data_6Y91
#
_entry.id   6Y91
#
_cell.length_a   84.620
_cell.length_b   107.420
_cell.length_c   145.080
_cell.angle_alpha   90.00
_cell.angle_beta   90.00
_cell.angle_gamma   90.00
#
_symmetry.space_group_name_H-M   'P 21 21 21'
#
loop_
_entity.id
_entity.type
_entity.pdbx_description
1 polymer 'Malate dehydrogenase'
2 non-polymer NICOTINAMIDE-ADENINE-DINUCLEOTIDE
3 water water
#
_entity_poly.entity_id   1
_entity_poly.type   'polypeptide(L)'
_entity_poly.pdbx_seq_one_letter_code
;MTKIALIGSGQIGAIVGELCLLENLGDLILYDVVPGIPQGKALDLKHFSTILGVNRNILGTNQIEDIKDADIIVITAGVQ
RKEGMTREDLIGVNGKIMKSVAESVKLHCSKAFVICVSNPLDIMVNVFHKFSNLPHEKICGMAGILDTSRYCSLIADKLK
VSAEDVNAVILGGHGDLMVPLQRYTSVNGVPLSEFVKKNMISQNEIQEIIQKTRNMGAEIIKLAKASAAFAPAAAITKMI
KSYLYNENNLFTCAVYLNGHYNCSNLFVGSTAKINNKGAHPVEFPLTKEEQDLYTESIASVQSNTQKAFDLIKAAALEHH
HHHH
;
_entity_poly.pdbx_strand_id   A,B,C,D
#
loop_
_chem_comp.id
_chem_comp.type
_chem_comp.name
_chem_comp.formula
NAD non-polymer NICOTINAMIDE-ADENINE-DINUCLEOTIDE 'C21 H27 N7 O14 P2'
#
# COMPACT_ATOMS: atom_id res chain seq x y z
N MET A 1 10.49 6.96 16.09
CA MET A 1 11.85 7.00 16.59
C MET A 1 12.63 5.81 16.21
N THR A 2 11.92 4.95 15.48
CA THR A 2 12.51 3.70 15.02
C THR A 2 13.63 3.99 14.03
N LYS A 3 14.83 3.50 14.35
CA LYS A 3 16.01 3.60 13.50
C LYS A 3 16.38 2.26 12.89
N ILE A 4 16.48 2.21 11.56
CA ILE A 4 16.90 1.00 10.86
C ILE A 4 18.28 1.29 10.27
N ALA A 5 19.30 0.62 10.82
CA ALA A 5 20.68 0.85 10.43
C ALA A 5 21.12 -0.24 9.46
N LEU A 6 21.49 0.16 8.25
CA LEU A 6 21.94 -0.76 7.20
C LEU A 6 23.47 -0.72 7.14
N ILE A 7 24.11 -1.78 7.64
CA ILE A 7 25.57 -1.87 7.70
C ILE A 7 26.03 -2.53 6.40
N GLY A 8 26.35 -1.69 5.42
CA GLY A 8 26.51 -2.14 4.05
C GLY A 8 25.47 -1.48 3.18
N SER A 9 25.91 -0.63 2.26
CA SER A 9 25.02 0.13 1.39
C SER A 9 25.24 -0.26 -0.06
N GLY A 10 25.41 -1.56 -0.31
CA GLY A 10 25.42 -2.09 -1.66
C GLY A 10 24.03 -2.37 -2.18
N GLN A 11 23.94 -3.34 -3.09
CA GLN A 11 22.69 -3.57 -3.81
C GLN A 11 21.58 -4.06 -2.89
N ILE A 12 21.89 -4.98 -1.98
CA ILE A 12 20.85 -5.50 -1.10
C ILE A 12 20.48 -4.48 -0.03
N GLY A 13 21.48 -3.85 0.58
CA GLY A 13 21.20 -2.85 1.60
C GLY A 13 20.41 -1.68 1.08
N ALA A 14 20.68 -1.25 -0.15
CA ALA A 14 19.95 -0.13 -0.73
C ALA A 14 18.49 -0.48 -0.96
N ILE A 15 18.20 -1.70 -1.43
CA ILE A 15 16.82 -2.09 -1.67
C ILE A 15 16.10 -2.38 -0.35
N VAL A 16 16.82 -2.75 0.70
CA VAL A 16 16.18 -2.89 2.01
C VAL A 16 15.70 -1.52 2.51
N GLY A 17 16.57 -0.52 2.43
CA GLY A 17 16.15 0.84 2.72
C GLY A 17 14.93 1.27 1.92
N GLU A 18 14.99 1.08 0.60
CA GLU A 18 13.87 1.43 -0.26
C GLU A 18 12.57 0.77 0.20
N LEU A 19 12.63 -0.50 0.59
CA LEU A 19 11.41 -1.22 0.95
C LEU A 19 10.94 -0.87 2.36
N CYS A 20 11.85 -0.56 3.28
CA CYS A 20 11.43 -0.11 4.60
C CYS A 20 10.90 1.31 4.57
N LEU A 21 11.22 2.06 3.52
CA LEU A 21 10.62 3.38 3.31
C LEU A 21 9.21 3.24 2.75
N LEU A 22 9.05 2.41 1.73
CA LEU A 22 7.73 2.16 1.14
C LEU A 22 6.71 1.73 2.19
N GLU A 23 7.17 1.04 3.24
CA GLU A 23 6.28 0.53 4.28
C GLU A 23 6.35 1.32 5.57
N ASN A 24 7.13 2.41 5.61
CA ASN A 24 7.16 3.32 6.76
C ASN A 24 7.66 2.63 8.02
N LEU A 25 8.68 1.77 7.87
CA LEU A 25 9.16 0.99 9.00
C LEU A 25 10.00 1.83 9.96
N GLY A 26 10.78 2.78 9.45
CA GLY A 26 11.55 3.63 10.34
C GLY A 26 12.47 4.55 9.57
N ASP A 27 13.22 5.35 10.32
CA ASP A 27 14.30 6.14 9.76
C ASP A 27 15.47 5.25 9.38
N LEU A 28 16.25 5.69 8.39
CA LEU A 28 17.35 4.90 7.84
C LEU A 28 18.71 5.54 8.12
N ILE A 29 19.68 4.71 8.51
CA ILE A 29 21.10 5.07 8.42
C ILE A 29 21.77 4.10 7.46
N LEU A 30 22.29 4.64 6.36
CA LEU A 30 23.03 3.86 5.38
C LEU A 30 24.52 4.00 5.68
N TYR A 31 25.13 2.93 6.20
CA TYR A 31 26.54 2.92 6.51
C TYR A 31 27.31 2.08 5.50
N ASP A 32 28.49 2.56 5.12
CA ASP A 32 29.39 1.79 4.29
C ASP A 32 30.81 2.26 4.55
N VAL A 33 31.78 1.45 4.12
CA VAL A 33 33.18 1.79 4.31
C VAL A 33 33.71 2.69 3.19
N VAL A 34 33.10 2.65 2.01
CA VAL A 34 33.59 3.38 0.84
C VAL A 34 33.06 4.81 0.91
N PRO A 35 33.91 5.83 0.95
CA PRO A 35 33.43 7.21 1.04
C PRO A 35 32.52 7.57 -0.13
N GLY A 36 31.41 8.25 0.19
CA GLY A 36 30.51 8.81 -0.80
C GLY A 36 29.35 7.92 -1.18
N ILE A 37 29.54 6.61 -1.21
CA ILE A 37 28.47 5.71 -1.67
C ILE A 37 27.21 5.83 -0.83
N PRO A 38 27.25 5.74 0.51
CA PRO A 38 25.99 5.86 1.26
C PRO A 38 25.40 7.26 1.20
N GLN A 39 26.23 8.30 1.13
CA GLN A 39 25.70 9.65 0.97
C GLN A 39 24.96 9.81 -0.35
N GLY A 40 25.53 9.29 -1.44
CA GLY A 40 24.86 9.38 -2.73
C GLY A 40 23.56 8.61 -2.76
N LYS A 41 23.59 7.35 -2.29
CA LYS A 41 22.38 6.53 -2.30
C LYS A 41 21.33 7.11 -1.34
N ALA A 42 21.76 7.68 -0.23
CA ALA A 42 20.81 8.33 0.68
C ALA A 42 20.05 9.45 -0.04
N LEU A 43 20.78 10.27 -0.80
CA LEU A 43 20.14 11.34 -1.56
C LEU A 43 19.12 10.79 -2.53
N ASP A 44 19.48 9.73 -3.25
CA ASP A 44 18.56 9.11 -4.21
C ASP A 44 17.29 8.62 -3.52
N LEU A 45 17.45 7.88 -2.42
CA LEU A 45 16.30 7.41 -1.66
C LEU A 45 15.47 8.57 -1.12
N LYS A 46 16.11 9.68 -0.78
CA LYS A 46 15.37 10.85 -0.30
C LYS A 46 14.47 11.43 -1.37
N HIS A 47 14.98 11.54 -2.60
CA HIS A 47 14.16 12.04 -3.69
C HIS A 47 13.10 11.03 -4.09
N PHE A 48 13.48 9.76 -4.12
CA PHE A 48 12.50 8.67 -4.23
C PHE A 48 11.40 8.83 -3.19
N SER A 49 11.78 9.12 -1.94
CA SER A 49 10.81 9.30 -0.87
C SER A 49 9.82 10.43 -1.21
N THR A 50 10.35 11.58 -1.65
CA THR A 50 9.49 12.72 -1.97
C THR A 50 8.47 12.37 -3.06
N ILE A 51 8.93 11.69 -4.12
CA ILE A 51 8.04 11.35 -5.23
C ILE A 51 6.89 10.47 -4.76
N LEU A 52 7.14 9.58 -3.80
CA LEU A 52 6.15 8.62 -3.37
C LEU A 52 5.50 9.00 -2.04
N GLY A 53 5.82 10.15 -1.49
CA GLY A 53 5.13 10.63 -0.31
C GLY A 53 5.56 9.99 0.99
N VAL A 54 6.85 9.70 1.14
CA VAL A 54 7.40 9.16 2.38
C VAL A 54 8.25 10.24 3.02
N ASN A 55 8.10 10.40 4.34
CA ASN A 55 8.72 11.50 5.07
C ASN A 55 9.77 11.04 6.07
N ARG A 56 10.14 9.76 6.08
CA ARG A 56 11.12 9.29 7.04
C ARG A 56 12.50 9.82 6.69
N ASN A 57 13.30 10.10 7.72
CA ASN A 57 14.62 10.66 7.51
C ASN A 57 15.65 9.59 7.14
N ILE A 58 16.57 9.98 6.26
CA ILE A 58 17.60 9.12 5.71
C ILE A 58 18.95 9.83 5.83
N LEU A 59 19.95 9.15 6.39
CA LEU A 59 21.30 9.71 6.51
C LEU A 59 22.31 8.66 6.07
N GLY A 60 23.10 9.01 5.05
CA GLY A 60 24.22 8.19 4.62
C GLY A 60 25.52 8.60 5.28
N THR A 61 26.23 7.66 5.90
CA THR A 61 27.43 7.99 6.67
C THR A 61 28.52 6.96 6.41
N ASN A 62 29.77 7.41 6.61
CA ASN A 62 30.93 6.52 6.67
C ASN A 62 31.43 6.34 8.09
N GLN A 63 30.69 6.82 9.08
CA GLN A 63 31.09 6.77 10.48
C GLN A 63 30.18 5.77 11.19
N ILE A 64 30.78 4.66 11.64
CA ILE A 64 29.99 3.56 12.18
C ILE A 64 29.32 3.95 13.50
N GLU A 65 29.92 4.88 14.25
CA GLU A 65 29.28 5.33 15.49
C GLU A 65 27.91 5.95 15.26
N ASP A 66 27.53 6.23 14.01
CA ASP A 66 26.23 6.80 13.70
C ASP A 66 25.09 5.79 13.70
N ILE A 67 25.35 4.53 14.03
CA ILE A 67 24.28 3.54 14.15
C ILE A 67 23.76 3.43 15.58
N LYS A 68 24.11 4.40 16.43
CA LYS A 68 23.84 4.33 17.86
C LYS A 68 22.36 4.12 18.14
N ASP A 69 22.07 3.30 19.18
CA ASP A 69 20.71 3.01 19.64
C ASP A 69 19.78 2.56 18.51
N ALA A 70 20.36 2.01 17.44
CA ALA A 70 19.54 1.47 16.35
C ALA A 70 18.68 0.31 16.86
N ASP A 71 17.42 0.29 16.44
CA ASP A 71 16.55 -0.83 16.77
C ASP A 71 16.80 -2.03 15.87
N ILE A 72 17.15 -1.78 14.60
CA ILE A 72 17.33 -2.82 13.61
C ILE A 72 18.71 -2.69 12.99
N ILE A 73 19.36 -3.81 12.72
CA ILE A 73 20.66 -3.84 12.06
C ILE A 73 20.61 -4.90 10.97
N VAL A 74 20.98 -4.50 9.75
CA VAL A 74 21.02 -5.40 8.60
C VAL A 74 22.45 -5.35 8.05
N ILE A 75 23.17 -6.46 8.17
CA ILE A 75 24.58 -6.53 7.82
C ILE A 75 24.72 -7.22 6.48
N THR A 76 25.08 -6.45 5.45
CA THR A 76 25.47 -6.98 4.15
C THR A 76 26.93 -6.72 3.84
N ALA A 77 27.67 -6.13 4.77
CA ALA A 77 29.06 -5.76 4.55
C ALA A 77 29.93 -6.97 4.23
N GLY A 78 30.64 -6.90 3.11
CA GLY A 78 31.58 -7.95 2.74
C GLY A 78 31.98 -7.81 1.28
N VAL A 79 32.32 -8.94 0.67
CA VAL A 79 32.46 -9.01 -0.78
C VAL A 79 31.49 -10.09 -1.26
N ILE A 91 35.02 -17.05 3.09
CA ILE A 91 35.09 -17.08 4.55
C ILE A 91 36.22 -16.27 5.19
N GLY A 92 37.32 -16.06 4.48
CA GLY A 92 38.48 -15.45 5.13
C GLY A 92 38.33 -13.96 5.37
N VAL A 93 38.02 -13.19 4.34
CA VAL A 93 38.03 -11.73 4.50
C VAL A 93 36.70 -11.17 5.00
N ASN A 94 35.58 -11.82 4.71
CA ASN A 94 34.31 -11.32 5.25
C ASN A 94 34.19 -11.61 6.74
N GLY A 95 34.75 -12.72 7.20
CA GLY A 95 34.81 -12.96 8.62
C GLY A 95 35.59 -11.86 9.34
N LYS A 96 36.62 -11.33 8.68
CA LYS A 96 37.32 -10.16 9.19
C LYS A 96 36.32 -9.01 9.38
N ILE A 97 35.56 -8.69 8.31
CA ILE A 97 34.59 -7.60 8.36
C ILE A 97 33.53 -7.85 9.42
N MET A 98 32.98 -9.07 9.46
CA MET A 98 31.89 -9.36 10.39
C MET A 98 32.33 -9.24 11.84
N LYS A 99 33.56 -9.64 12.15
CA LYS A 99 34.07 -9.48 13.52
C LYS A 99 34.10 -8.01 13.92
N SER A 100 34.59 -7.15 13.02
CA SER A 100 34.68 -5.72 13.34
C SER A 100 33.29 -5.12 13.51
N VAL A 101 32.39 -5.39 12.56
CA VAL A 101 31.00 -4.94 12.69
C VAL A 101 30.41 -5.44 13.99
N ALA A 102 30.67 -6.70 14.33
CA ALA A 102 30.17 -7.26 15.58
C ALA A 102 30.64 -6.44 16.77
N GLU A 103 31.93 -6.16 16.86
CA GLU A 103 32.44 -5.35 17.97
C GLU A 103 31.78 -3.98 17.98
N SER A 104 31.69 -3.33 16.83
CA SER A 104 31.07 -2.01 16.76
C SER A 104 29.63 -2.03 17.25
N VAL A 105 28.87 -3.07 16.90
CA VAL A 105 27.48 -3.15 17.31
C VAL A 105 27.38 -3.32 18.83
N LYS A 106 28.34 -4.00 19.43
CA LYS A 106 28.33 -4.21 20.87
C LYS A 106 28.41 -2.90 21.63
N LEU A 107 29.33 -2.03 21.26
CA LEU A 107 29.56 -0.83 22.02
C LEU A 107 28.63 0.32 21.64
N HIS A 108 28.01 0.26 20.46
CA HIS A 108 27.19 1.37 19.98
C HIS A 108 25.69 1.11 20.06
N CYS A 109 25.22 -0.10 19.73
CA CYS A 109 23.78 -0.39 19.63
C CYS A 109 23.50 -1.82 20.13
N SER A 110 23.91 -2.09 21.37
CA SER A 110 23.90 -3.46 21.90
C SER A 110 22.52 -4.09 21.96
N LYS A 111 21.43 -3.31 22.00
CA LYS A 111 20.10 -3.88 22.14
C LYS A 111 19.32 -3.87 20.84
N ALA A 112 20.02 -3.88 19.70
CA ALA A 112 19.40 -3.98 18.39
C ALA A 112 19.14 -5.43 17.99
N PHE A 113 18.03 -5.65 17.30
CA PHE A 113 17.79 -6.90 16.60
C PHE A 113 18.64 -6.93 15.32
N VAL A 114 19.36 -8.02 15.11
CA VAL A 114 20.44 -8.08 14.13
C VAL A 114 20.13 -9.14 13.09
N ILE A 115 20.05 -8.74 11.82
CA ILE A 115 19.80 -9.62 10.68
C ILE A 115 21.05 -9.61 9.82
N CYS A 116 21.84 -10.68 9.90
CA CYS A 116 23.05 -10.82 9.08
C CYS A 116 22.71 -11.42 7.73
N VAL A 117 23.38 -10.93 6.67
CA VAL A 117 23.08 -11.34 5.30
C VAL A 117 24.35 -11.81 4.61
N SER A 118 25.49 -11.22 4.98
CA SER A 118 26.76 -11.52 4.32
C SER A 118 27.05 -13.02 4.33
N ASN A 119 27.56 -13.49 3.32
CA ASN A 119 27.71 -14.94 3.29
C ASN A 119 29.20 -15.32 3.45
N PRO A 120 29.53 -16.61 3.73
CA PRO A 120 28.53 -17.67 3.92
C PRO A 120 27.65 -17.43 5.19
N LEU A 121 26.33 -17.52 5.00
CA LEU A 121 25.38 -16.93 5.93
C LEU A 121 25.46 -17.59 7.29
N ASP A 122 25.21 -18.90 7.35
CA ASP A 122 25.14 -19.56 8.65
C ASP A 122 26.49 -19.50 9.35
N ILE A 123 27.57 -19.40 8.56
CA ILE A 123 28.90 -19.23 9.14
C ILE A 123 29.05 -17.83 9.70
N MET A 124 28.56 -16.82 8.98
CA MET A 124 28.77 -15.43 9.36
C MET A 124 27.87 -15.02 10.53
N VAL A 125 26.73 -15.68 10.70
CA VAL A 125 25.88 -15.38 11.85
C VAL A 125 26.54 -15.85 13.14
N ASN A 126 27.25 -16.99 13.07
CA ASN A 126 27.97 -17.50 14.23
C ASN A 126 29.15 -16.59 14.56
N VAL A 127 29.87 -16.13 13.54
CA VAL A 127 30.97 -15.18 13.76
C VAL A 127 30.45 -13.94 14.47
N PHE A 128 29.30 -13.42 14.03
CA PHE A 128 28.76 -12.22 14.67
C PHE A 128 28.43 -12.47 16.13
N HIS A 129 27.86 -13.64 16.43
CA HIS A 129 27.52 -13.97 17.82
C HIS A 129 28.76 -14.01 18.69
N LYS A 130 29.82 -14.68 18.20
CA LYS A 130 31.02 -14.88 19.02
C LYS A 130 31.64 -13.58 19.47
N PHE A 131 31.61 -12.54 18.64
CA PHE A 131 32.34 -11.32 18.95
C PHE A 131 31.44 -10.18 19.40
N SER A 132 30.12 -10.28 19.18
CA SER A 132 29.19 -9.29 19.71
C SER A 132 28.85 -9.58 21.17
N ASN A 133 28.73 -10.87 21.51
CA ASN A 133 28.12 -11.34 22.76
C ASN A 133 26.70 -10.80 22.97
N LEU A 134 25.99 -10.49 21.90
CA LEU A 134 24.60 -10.08 22.01
C LEU A 134 23.76 -11.28 22.44
N PRO A 135 22.58 -11.04 23.00
CA PRO A 135 21.70 -12.18 23.29
C PRO A 135 21.44 -12.96 22.02
N HIS A 136 21.43 -14.29 22.15
CA HIS A 136 21.31 -15.13 20.96
C HIS A 136 19.94 -15.02 20.31
N GLU A 137 18.90 -14.69 21.07
CA GLU A 137 17.58 -14.52 20.47
C GLU A 137 17.46 -13.23 19.68
N LYS A 138 18.39 -12.29 19.85
CA LYS A 138 18.38 -11.03 19.12
C LYS A 138 19.21 -11.07 17.85
N ILE A 139 19.77 -12.23 17.50
CA ILE A 139 20.64 -12.38 16.35
C ILE A 139 20.02 -13.41 15.41
N CYS A 140 20.13 -13.15 14.10
CA CYS A 140 19.65 -14.09 13.11
C CYS A 140 20.28 -13.76 11.76
N GLY A 141 20.21 -14.73 10.86
CA GLY A 141 20.51 -14.50 9.46
C GLY A 141 19.30 -14.84 8.60
N MET A 142 19.21 -14.18 7.45
CA MET A 142 18.17 -14.45 6.48
C MET A 142 18.67 -15.45 5.44
N ALA A 143 18.02 -16.60 5.36
CA ALA A 143 18.25 -17.53 4.26
C ALA A 143 16.97 -18.26 3.88
N GLY A 144 16.38 -18.96 4.85
CA GLY A 144 15.28 -19.87 4.56
C GLY A 144 14.16 -19.25 3.75
N ILE A 145 13.85 -17.97 3.99
CA ILE A 145 12.72 -17.34 3.31
C ILE A 145 13.02 -17.21 1.82
N LEU A 146 14.29 -17.07 1.46
CA LEU A 146 14.66 -16.94 0.06
C LEU A 146 14.59 -18.29 -0.65
N ASP A 147 15.07 -19.34 0.01
CA ASP A 147 14.92 -20.68 -0.53
C ASP A 147 13.45 -21.10 -0.58
N THR A 148 12.72 -20.82 0.50
CA THR A 148 11.29 -21.15 0.55
C THR A 148 10.52 -20.50 -0.59
N SER A 149 10.80 -19.22 -0.86
CA SER A 149 10.07 -18.51 -1.92
C SER A 149 10.34 -19.11 -3.29
N ARG A 150 11.60 -19.45 -3.57
CA ARG A 150 11.93 -20.07 -4.86
C ARG A 150 11.26 -21.42 -5.00
N TYR A 151 11.28 -22.24 -3.94
CA TYR A 151 10.65 -23.54 -3.97
C TYR A 151 9.14 -23.42 -4.15
N CYS A 152 8.50 -22.55 -3.36
CA CYS A 152 7.05 -22.37 -3.44
C CYS A 152 6.64 -21.74 -4.77
N SER A 153 7.48 -20.85 -5.31
CA SER A 153 7.20 -20.28 -6.62
C SER A 153 7.20 -21.35 -7.70
N LEU A 154 8.20 -22.24 -7.68
CA LEU A 154 8.26 -23.29 -8.68
C LEU A 154 7.13 -24.30 -8.53
N ILE A 155 6.71 -24.58 -7.30
CA ILE A 155 5.58 -25.48 -7.08
C ILE A 155 4.30 -24.85 -7.62
N ALA A 156 4.08 -23.56 -7.32
CA ALA A 156 2.88 -22.88 -7.78
C ALA A 156 2.82 -22.81 -9.30
N ASP A 157 3.97 -22.60 -9.94
CA ASP A 157 4.02 -22.63 -11.40
C ASP A 157 3.56 -23.97 -11.92
N LYS A 158 4.08 -25.03 -11.35
CA LYS A 158 3.67 -26.32 -11.87
C LYS A 158 2.18 -26.55 -11.71
N LEU A 159 1.66 -26.24 -10.52
CA LEU A 159 0.29 -26.53 -10.22
C LEU A 159 -0.62 -25.47 -10.77
N LYS A 160 -0.06 -24.52 -11.52
CA LYS A 160 -0.83 -23.43 -12.10
C LYS A 160 -1.74 -22.78 -11.05
N VAL A 161 -1.13 -22.44 -9.91
CA VAL A 161 -1.83 -21.78 -8.82
C VAL A 161 -1.06 -20.53 -8.41
N SER A 162 -1.78 -19.62 -7.75
CA SER A 162 -1.15 -18.52 -7.05
C SER A 162 -0.10 -19.05 -6.08
N ALA A 163 1.02 -18.34 -5.98
CA ALA A 163 2.01 -18.65 -4.97
C ALA A 163 1.55 -18.22 -3.57
N GLU A 164 0.55 -17.35 -3.50
CA GLU A 164 0.21 -16.64 -2.26
C GLU A 164 -0.05 -17.59 -1.09
N ASP A 165 -0.62 -18.77 -1.34
CA ASP A 165 -0.93 -19.70 -0.27
C ASP A 165 -0.18 -21.02 -0.41
N VAL A 166 0.96 -21.01 -1.11
CA VAL A 166 1.89 -22.14 -1.10
C VAL A 166 2.89 -21.91 0.01
N ASN A 167 2.89 -22.80 1.01
CA ASN A 167 3.72 -22.66 2.19
C ASN A 167 4.64 -23.86 2.33
N ALA A 168 5.84 -23.63 2.86
CA ALA A 168 6.77 -24.74 3.00
C ALA A 168 7.82 -24.46 4.06
N VAL A 169 8.26 -25.53 4.72
CA VAL A 169 9.41 -25.51 5.62
C VAL A 169 10.64 -25.96 4.86
N ILE A 170 11.69 -25.13 4.88
CA ILE A 170 13.00 -25.54 4.40
C ILE A 170 14.00 -25.32 5.53
N LEU A 171 14.52 -26.40 6.08
CA LEU A 171 15.54 -26.38 7.12
C LEU A 171 16.93 -26.36 6.50
N GLY A 172 17.88 -25.86 7.27
CA GLY A 172 19.28 -26.12 7.00
C GLY A 172 19.98 -24.97 6.31
N GLY A 173 21.21 -25.26 5.89
CA GLY A 173 22.07 -24.23 5.33
C GLY A 173 21.52 -23.65 4.04
N HIS A 174 21.86 -22.38 3.81
CA HIS A 174 21.54 -21.70 2.56
C HIS A 174 22.45 -22.14 1.44
N GLY A 175 22.42 -23.41 1.03
CA GLY A 175 23.39 -23.90 0.08
C GLY A 175 22.98 -25.22 -0.52
N ASP A 176 23.96 -26.13 -0.69
CA ASP A 176 23.68 -27.44 -1.28
C ASP A 176 23.13 -28.51 -0.38
N LEU A 177 23.20 -28.37 0.91
CA LEU A 177 22.43 -29.29 1.72
C LEU A 177 21.33 -28.52 2.44
N MET A 178 20.38 -28.06 1.63
CA MET A 178 19.07 -27.66 2.13
C MET A 178 18.30 -28.91 2.49
N VAL A 179 17.32 -28.73 3.34
CA VAL A 179 16.42 -29.84 3.65
C VAL A 179 14.98 -29.40 3.43
N PRO A 180 14.45 -29.46 2.20
CA PRO A 180 13.04 -29.14 1.98
C PRO A 180 12.13 -30.27 2.44
N LEU A 181 11.15 -29.93 3.25
CA LEU A 181 10.21 -30.89 3.81
C LEU A 181 8.90 -30.85 3.03
N GLN A 182 8.74 -31.80 2.09
CA GLN A 182 7.48 -31.91 1.38
C GLN A 182 6.33 -32.22 2.33
N ARG A 183 6.59 -32.98 3.40
CA ARG A 183 5.61 -33.18 4.45
C ARG A 183 5.08 -31.84 4.94
N TYR A 184 5.97 -30.86 5.11
CA TYR A 184 5.62 -29.52 5.54
C TYR A 184 5.47 -28.57 4.36
N THR A 185 4.93 -29.05 3.24
CA THR A 185 4.53 -28.22 2.12
C THR A 185 3.02 -28.35 1.95
N SER A 186 2.34 -27.22 1.77
CA SER A 186 0.90 -27.22 1.64
C SER A 186 0.45 -26.11 0.69
N VAL A 187 -0.68 -26.34 0.04
CA VAL A 187 -1.28 -25.39 -0.90
C VAL A 187 -2.66 -25.03 -0.37
N ASN A 188 -2.79 -23.81 0.17
CA ASN A 188 -4.01 -23.39 0.86
C ASN A 188 -4.44 -24.43 1.89
N GLY A 189 -3.46 -24.94 2.64
CA GLY A 189 -3.70 -25.88 3.70
C GLY A 189 -3.72 -27.34 3.27
N VAL A 190 -3.71 -27.61 1.97
CA VAL A 190 -3.79 -28.96 1.42
C VAL A 190 -2.36 -29.46 1.18
N PRO A 191 -1.95 -30.56 1.82
CA PRO A 191 -0.55 -31.02 1.67
C PRO A 191 -0.20 -31.35 0.22
N LEU A 192 1.09 -31.19 -0.08
CA LEU A 192 1.61 -31.47 -1.42
C LEU A 192 1.29 -32.90 -1.87
N SER A 193 1.40 -33.86 -0.94
CA SER A 193 1.01 -35.25 -1.17
C SER A 193 -0.32 -35.38 -1.91
N GLU A 194 -1.32 -34.58 -1.51
CA GLU A 194 -2.63 -34.68 -2.13
C GLU A 194 -2.56 -34.37 -3.62
N PHE A 195 -1.57 -33.58 -4.04
CA PHE A 195 -1.41 -33.25 -5.45
C PHE A 195 -0.66 -34.35 -6.19
N VAL A 196 0.22 -35.09 -5.51
CA VAL A 196 0.87 -36.23 -6.13
C VAL A 196 -0.13 -37.36 -6.34
N LYS A 197 -1.00 -37.58 -5.34
CA LYS A 197 -2.12 -38.51 -5.52
C LYS A 197 -2.93 -38.17 -6.75
N LYS A 198 -3.28 -36.90 -6.92
CA LYS A 198 -4.12 -36.48 -8.02
C LYS A 198 -3.36 -36.40 -9.34
N ASN A 199 -2.07 -36.77 -9.33
CA ASN A 199 -1.25 -36.81 -10.52
C ASN A 199 -1.15 -35.42 -11.15
N MET A 200 -1.29 -34.39 -10.31
CA MET A 200 -1.08 -33.01 -10.74
C MET A 200 0.39 -32.64 -10.59
N ILE A 201 1.18 -33.40 -9.83
CA ILE A 201 2.61 -33.18 -9.77
C ILE A 201 3.19 -34.55 -9.46
N SER A 202 4.42 -34.73 -9.87
CA SER A 202 5.21 -35.95 -9.74
C SER A 202 6.29 -35.68 -8.72
N GLN A 203 6.76 -36.73 -8.06
CA GLN A 203 7.91 -36.58 -7.18
C GLN A 203 9.18 -36.29 -7.98
N ASN A 204 9.27 -36.81 -9.20
CA ASN A 204 10.40 -36.47 -10.06
C ASN A 204 10.40 -34.98 -10.35
N GLU A 205 9.23 -34.43 -10.67
CA GLU A 205 9.10 -32.99 -10.84
C GLU A 205 9.47 -32.25 -9.55
N ILE A 206 9.08 -32.78 -8.39
CA ILE A 206 9.39 -32.11 -7.13
C ILE A 206 10.88 -32.17 -6.86
N GLN A 207 11.54 -33.28 -7.21
CA GLN A 207 12.98 -33.35 -7.00
C GLN A 207 13.72 -32.47 -7.99
N GLU A 208 13.18 -32.32 -9.20
CA GLU A 208 13.68 -31.31 -10.12
C GLU A 208 13.59 -29.91 -9.52
N ILE A 209 12.43 -29.57 -8.97
CA ILE A 209 12.23 -28.27 -8.34
C ILE A 209 13.22 -28.06 -7.19
N ILE A 210 13.50 -29.12 -6.43
CA ILE A 210 14.45 -29.01 -5.33
C ILE A 210 15.85 -28.70 -5.85
N GLN A 211 16.25 -29.34 -6.95
CA GLN A 211 17.58 -29.10 -7.53
C GLN A 211 17.70 -27.69 -8.07
N LYS A 212 16.61 -27.18 -8.64
CA LYS A 212 16.56 -25.78 -9.06
C LYS A 212 16.66 -24.83 -7.88
N THR A 213 15.91 -25.10 -6.82
CA THR A 213 15.96 -24.27 -5.62
C THR A 213 17.37 -24.24 -5.03
N ARG A 214 18.05 -25.39 -5.05
CA ARG A 214 19.40 -25.45 -4.53
C ARG A 214 20.39 -24.66 -5.39
N ASN A 215 20.16 -24.62 -6.70
CA ASN A 215 21.09 -24.02 -7.65
C ASN A 215 20.68 -22.61 -8.07
N MET A 216 19.62 -22.05 -7.48
CA MET A 216 19.07 -20.79 -7.97
C MET A 216 20.06 -19.64 -7.83
N GLY A 217 20.71 -19.53 -6.67
CA GLY A 217 21.70 -18.49 -6.48
C GLY A 217 22.76 -18.46 -7.57
N ALA A 218 23.33 -19.64 -7.88
CA ALA A 218 24.38 -19.70 -8.90
C ALA A 218 23.81 -19.44 -10.29
N GLU A 219 22.56 -19.82 -10.55
CA GLU A 219 21.98 -19.60 -11.87
C GLU A 219 21.72 -18.11 -12.11
N ILE A 220 21.22 -17.40 -11.11
CA ILE A 220 21.09 -15.95 -11.20
C ILE A 220 22.45 -15.32 -11.50
N ILE A 221 23.48 -15.75 -10.76
CA ILE A 221 24.83 -15.22 -10.97
C ILE A 221 25.26 -15.42 -12.43
N LYS A 222 25.16 -16.66 -12.93
CA LYS A 222 25.68 -16.91 -14.26
C LYS A 222 24.91 -16.15 -15.34
N LEU A 223 23.62 -15.87 -15.11
CA LEU A 223 22.84 -15.14 -16.09
C LEU A 223 23.02 -13.64 -15.92
N ALA A 224 22.73 -13.13 -14.72
CA ALA A 224 22.76 -11.70 -14.47
C ALA A 224 24.16 -11.21 -14.11
N LYS A 225 25.11 -12.12 -13.89
CA LYS A 225 26.47 -11.76 -13.50
C LYS A 225 26.49 -10.86 -12.27
N ALA A 226 25.52 -11.11 -11.37
CA ALA A 226 25.38 -10.45 -10.09
C ALA A 226 24.42 -11.28 -9.26
N SER A 227 24.62 -11.27 -7.95
CA SER A 227 23.76 -12.04 -7.05
C SER A 227 22.38 -11.39 -6.94
N ALA A 228 21.36 -12.23 -6.69
CA ALA A 228 20.01 -11.73 -6.41
C ALA A 228 20.05 -10.63 -5.36
N ALA A 229 19.13 -9.68 -5.49
CA ALA A 229 19.12 -8.53 -4.58
C ALA A 229 17.69 -8.22 -4.13
N PHE A 230 16.76 -8.21 -5.09
CA PHE A 230 15.38 -7.85 -4.78
C PHE A 230 14.75 -8.84 -3.81
N ALA A 231 14.73 -10.12 -4.17
CA ALA A 231 14.15 -11.12 -3.28
C ALA A 231 14.84 -11.18 -1.91
N PRO A 232 16.18 -11.23 -1.81
CA PRO A 232 16.79 -11.14 -0.47
C PRO A 232 16.33 -9.94 0.33
N ALA A 233 16.34 -8.75 -0.29
CA ALA A 233 15.88 -7.54 0.39
C ALA A 233 14.45 -7.72 0.91
N ALA A 234 13.58 -8.32 0.12
CA ALA A 234 12.19 -8.49 0.54
C ALA A 234 12.10 -9.45 1.72
N ALA A 235 12.89 -10.52 1.70
CA ALA A 235 12.93 -11.44 2.82
C ALA A 235 13.36 -10.72 4.10
N ILE A 236 14.40 -9.90 4.01
CA ILE A 236 14.89 -9.16 5.18
C ILE A 236 13.81 -8.22 5.70
N THR A 237 13.22 -7.43 4.80
CA THR A 237 12.21 -6.45 5.20
C THR A 237 11.07 -7.08 5.97
N LYS A 238 10.62 -8.27 5.56
CA LYS A 238 9.52 -8.91 6.27
C LYS A 238 9.97 -9.45 7.62
N MET A 239 11.24 -9.83 7.74
CA MET A 239 11.78 -10.16 9.06
C MET A 239 11.87 -8.92 9.94
N ILE A 240 12.28 -7.79 9.35
CA ILE A 240 12.23 -6.51 10.05
C ILE A 240 10.81 -6.23 10.52
N LYS A 241 9.84 -6.34 9.60
CA LYS A 241 8.44 -6.09 9.90
C LYS A 241 7.97 -6.93 11.09
N SER A 242 8.17 -8.25 11.02
CA SER A 242 7.76 -9.14 12.10
C SER A 242 8.28 -8.68 13.45
N TYR A 243 9.52 -8.21 13.50
CA TYR A 243 10.12 -7.81 14.77
C TYR A 243 9.49 -6.51 15.29
N LEU A 244 9.43 -5.48 14.43
CA LEU A 244 8.97 -4.17 14.87
C LEU A 244 7.51 -4.19 15.30
N TYR A 245 6.66 -4.92 14.57
CA TYR A 245 5.23 -4.92 14.83
C TYR A 245 4.78 -6.10 15.68
N ASN A 246 5.71 -6.79 16.35
CA ASN A 246 5.41 -7.89 17.25
C ASN A 246 4.45 -8.88 16.60
N GLU A 247 4.85 -9.38 15.43
CA GLU A 247 3.94 -10.10 14.55
C GLU A 247 3.86 -11.59 14.83
N ASN A 248 4.94 -12.20 15.32
CA ASN A 248 4.99 -13.63 15.63
C ASN A 248 4.86 -14.50 14.38
N ASN A 249 5.34 -13.99 13.24
CA ASN A 249 5.29 -14.77 12.00
C ASN A 249 6.31 -15.91 12.04
N LEU A 250 5.97 -17.00 11.35
CA LEU A 250 6.76 -18.23 11.38
C LEU A 250 7.60 -18.30 10.11
N PHE A 251 8.91 -18.19 10.27
CA PHE A 251 9.87 -18.25 9.16
C PHE A 251 10.87 -19.38 9.38
N THR A 252 11.61 -19.69 8.34
CA THR A 252 12.89 -20.36 8.48
C THR A 252 14.01 -19.33 8.36
N CYS A 253 14.87 -19.29 9.36
CA CYS A 253 15.94 -18.32 9.49
C CYS A 253 17.12 -19.02 10.14
N ALA A 254 18.29 -18.40 10.03
CA ALA A 254 19.38 -18.80 10.90
C ALA A 254 19.08 -18.35 12.33
N VAL A 255 19.10 -19.29 13.27
CA VAL A 255 18.66 -19.03 14.64
C VAL A 255 19.45 -19.92 15.59
N TYR A 256 19.57 -19.47 16.84
CA TYR A 256 20.34 -20.20 17.84
C TYR A 256 19.53 -21.38 18.36
N LEU A 257 19.92 -22.59 17.98
CA LEU A 257 19.37 -23.80 18.54
C LEU A 257 20.19 -24.22 19.76
N ASN A 258 19.51 -24.80 20.76
CA ASN A 258 20.21 -25.24 21.96
C ASN A 258 19.47 -26.46 22.51
N GLY A 259 19.60 -27.57 21.81
CA GLY A 259 18.88 -28.79 22.09
C GLY A 259 17.82 -29.11 21.06
N HIS A 260 17.26 -28.08 20.41
CA HIS A 260 16.32 -28.29 19.32
C HIS A 260 16.98 -29.04 18.17
N TYR A 261 16.24 -29.98 17.58
CA TYR A 261 16.72 -30.79 16.46
C TYR A 261 18.09 -31.41 16.73
N ASN A 262 18.31 -31.85 17.96
CA ASN A 262 19.53 -32.56 18.34
C ASN A 262 20.76 -31.69 18.18
N CYS A 263 20.58 -30.37 18.21
CA CYS A 263 21.61 -29.39 17.93
C CYS A 263 21.78 -28.48 19.14
N SER A 264 23.04 -28.16 19.45
CA SER A 264 23.32 -27.26 20.57
C SER A 264 24.42 -26.29 20.21
N ASN A 265 24.23 -25.03 20.64
CA ASN A 265 25.28 -24.02 20.65
C ASN A 265 25.74 -23.67 19.23
N LEU A 266 24.77 -23.40 18.35
CA LEU A 266 25.12 -23.09 16.97
C LEU A 266 23.93 -22.42 16.29
N PHE A 267 24.21 -21.35 15.56
CA PHE A 267 23.21 -20.76 14.67
C PHE A 267 23.16 -21.56 13.36
N VAL A 268 21.96 -22.01 12.99
CA VAL A 268 21.74 -22.74 11.75
C VAL A 268 20.32 -22.48 11.30
N GLY A 269 20.08 -22.62 10.00
CA GLY A 269 18.74 -22.47 9.43
C GLY A 269 17.70 -23.40 10.02
N SER A 270 16.69 -22.84 10.67
CA SER A 270 15.66 -23.61 11.35
C SER A 270 14.36 -22.83 11.33
N THR A 271 13.30 -23.48 11.83
CA THR A 271 12.00 -22.81 12.00
C THR A 271 12.01 -21.93 13.23
N ALA A 272 11.44 -20.73 13.10
CA ALA A 272 11.47 -19.77 14.20
C ALA A 272 10.30 -18.79 14.11
N LYS A 273 9.89 -18.29 15.27
CA LYS A 273 9.01 -17.13 15.37
C LYS A 273 9.86 -15.88 15.61
N ILE A 274 9.51 -14.79 14.92
CA ILE A 274 10.11 -13.49 15.17
C ILE A 274 9.08 -12.58 15.81
N ASN A 275 9.48 -11.84 16.84
CA ASN A 275 8.60 -10.90 17.52
C ASN A 275 9.45 -9.90 18.29
N ASN A 276 8.77 -9.01 19.03
CA ASN A 276 9.34 -8.06 19.96
C ASN A 276 10.67 -8.52 20.57
N LYS A 277 10.70 -9.73 21.11
CA LYS A 277 11.82 -10.20 21.90
C LYS A 277 12.85 -10.94 21.06
N GLY A 278 12.63 -11.06 19.75
CA GLY A 278 13.66 -11.51 18.84
C GLY A 278 13.24 -12.69 18.00
N ALA A 279 14.16 -13.63 17.79
CA ALA A 279 13.93 -14.82 16.98
C ALA A 279 14.04 -16.05 17.87
N HIS A 280 12.99 -16.88 17.86
CA HIS A 280 12.87 -17.99 18.82
C HIS A 280 12.68 -19.30 18.06
N PRO A 281 13.56 -20.27 18.25
CA PRO A 281 13.41 -21.54 17.53
C PRO A 281 12.14 -22.28 17.91
N VAL A 282 11.62 -23.05 16.95
CA VAL A 282 10.51 -23.98 17.17
C VAL A 282 10.94 -25.34 16.63
N GLU A 283 10.75 -26.39 17.43
CA GLU A 283 11.11 -27.75 17.04
C GLU A 283 9.85 -28.50 16.63
N PHE A 284 9.77 -28.89 15.35
CA PHE A 284 8.66 -29.72 14.89
C PHE A 284 9.06 -31.19 14.85
N PRO A 285 8.08 -32.12 14.97
CA PRO A 285 8.44 -33.55 14.96
C PRO A 285 8.85 -34.02 13.57
N LEU A 286 10.12 -34.34 13.41
CA LEU A 286 10.64 -34.85 12.16
C LEU A 286 10.69 -36.37 12.20
N THR A 287 10.58 -36.98 11.02
CA THR A 287 10.92 -38.40 10.88
C THR A 287 12.42 -38.60 11.09
N LYS A 288 12.89 -39.83 10.88
CA LYS A 288 14.32 -40.09 10.98
C LYS A 288 15.07 -39.77 9.70
N GLU A 289 14.42 -39.83 8.54
CA GLU A 289 15.10 -39.36 7.33
C GLU A 289 15.17 -37.84 7.28
N GLU A 290 14.16 -37.19 7.81
CA GLU A 290 14.16 -35.74 7.91
C GLU A 290 15.20 -35.25 8.90
N GLN A 291 15.24 -35.86 10.08
CA GLN A 291 16.23 -35.45 11.07
C GLN A 291 17.61 -35.92 10.66
N ASP A 292 17.71 -36.98 9.86
CA ASP A 292 19.04 -37.37 9.46
C ASP A 292 19.64 -36.28 8.56
N LEU A 293 18.99 -36.04 7.42
CA LEU A 293 19.50 -35.09 6.43
C LEU A 293 19.84 -33.75 7.09
N TYR A 294 19.06 -33.37 8.09
CA TYR A 294 19.28 -32.10 8.78
C TYR A 294 20.54 -32.13 9.64
N THR A 295 20.79 -33.23 10.35
CA THR A 295 21.97 -33.33 11.22
C THR A 295 23.28 -33.22 10.44
N GLU A 296 23.31 -33.76 9.23
CA GLU A 296 24.49 -33.73 8.38
C GLU A 296 24.74 -32.33 7.81
N SER A 297 23.69 -31.65 7.36
CA SER A 297 23.85 -30.22 7.05
C SER A 297 24.33 -29.46 8.28
N ILE A 298 23.70 -29.73 9.44
CA ILE A 298 24.11 -29.06 10.67
C ILE A 298 25.56 -29.39 11.01
N ALA A 299 26.03 -30.57 10.59
CA ALA A 299 27.43 -30.92 10.84
C ALA A 299 28.38 -30.09 9.98
N SER A 300 28.02 -29.86 8.71
CA SER A 300 28.86 -29.04 7.84
C SER A 300 28.95 -27.60 8.35
N VAL A 301 27.82 -27.02 8.74
CA VAL A 301 27.82 -25.67 9.29
C VAL A 301 28.75 -25.60 10.50
N GLN A 302 28.78 -26.64 11.33
CA GLN A 302 29.65 -26.65 12.49
C GLN A 302 31.12 -26.74 12.09
N SER A 303 31.43 -27.53 11.06
CA SER A 303 32.82 -27.68 10.65
C SER A 303 33.33 -26.42 9.96
N ASN A 304 32.51 -25.82 9.10
CA ASN A 304 32.92 -24.62 8.40
C ASN A 304 32.96 -23.41 9.33
N THR A 305 32.18 -23.42 10.41
CA THR A 305 32.26 -22.36 11.40
C THR A 305 33.55 -22.50 12.21
N GLN A 306 33.98 -23.74 12.48
CA GLN A 306 35.22 -23.93 13.21
C GLN A 306 36.42 -23.61 12.33
N LYS A 307 36.34 -23.96 11.04
CA LYS A 307 37.30 -23.45 10.07
C LYS A 307 37.35 -21.92 10.08
N ALA A 308 36.18 -21.29 10.12
CA ALA A 308 36.10 -19.83 10.10
C ALA A 308 36.84 -19.20 11.27
N PHE A 309 36.52 -19.65 12.50
CA PHE A 309 37.14 -19.05 13.68
C PHE A 309 38.65 -19.17 13.65
N ASP A 310 39.16 -20.27 13.07
CA ASP A 310 40.60 -20.47 12.98
C ASP A 310 41.24 -19.54 11.96
N LEU A 311 40.58 -19.34 10.82
CA LEU A 311 41.14 -18.48 9.78
C LEU A 311 41.22 -17.02 10.21
N ILE A 312 40.41 -16.60 11.19
CA ILE A 312 40.40 -15.19 11.58
C ILE A 312 41.59 -14.83 12.48
N LYS A 313 42.38 -15.81 12.92
CA LYS A 313 43.71 -15.52 13.49
C LYS A 313 44.82 -16.40 12.92
N THR B 2 -2.72 -6.05 -19.00
CA THR B 2 -1.73 -4.99 -19.21
C THR B 2 -0.30 -5.53 -19.19
N LYS B 3 0.43 -5.33 -20.28
CA LYS B 3 1.83 -5.72 -20.35
C LYS B 3 2.71 -4.47 -20.39
N ILE B 4 3.65 -4.39 -19.46
CA ILE B 4 4.58 -3.27 -19.31
C ILE B 4 5.94 -3.76 -19.77
N ALA B 5 6.43 -3.21 -20.88
CA ALA B 5 7.68 -3.65 -21.49
C ALA B 5 8.81 -2.69 -21.14
N LEU B 6 9.84 -3.22 -20.48
CA LEU B 6 11.02 -2.45 -20.08
C LEU B 6 12.12 -2.70 -21.09
N ILE B 7 12.38 -1.73 -21.95
CA ILE B 7 13.37 -1.86 -23.02
C ILE B 7 14.69 -1.35 -22.45
N GLY B 8 15.48 -2.27 -21.91
CA GLY B 8 16.59 -1.92 -21.05
C GLY B 8 16.32 -2.46 -19.67
N SER B 9 17.13 -3.42 -19.24
CA SER B 9 16.98 -4.08 -17.95
C SER B 9 18.17 -3.80 -17.06
N GLY B 10 18.64 -2.55 -17.06
CA GLY B 10 19.65 -2.12 -16.12
C GLY B 10 19.06 -1.69 -14.79
N GLN B 11 19.76 -0.77 -14.12
CA GLN B 11 19.39 -0.41 -12.76
C GLN B 11 18.03 0.28 -12.70
N ILE B 12 17.77 1.20 -13.63
CA ILE B 12 16.51 1.93 -13.60
C ILE B 12 15.36 1.03 -14.07
N GLY B 13 15.58 0.30 -15.18
CA GLY B 13 14.53 -0.57 -15.68
C GLY B 13 14.12 -1.64 -14.69
N ALA B 14 15.09 -2.19 -13.95
CA ALA B 14 14.79 -3.22 -12.97
C ALA B 14 13.97 -2.66 -11.82
N ILE B 15 14.30 -1.46 -11.34
CA ILE B 15 13.55 -0.89 -10.22
C ILE B 15 12.19 -0.39 -10.68
N VAL B 16 12.03 -0.06 -11.96
CA VAL B 16 10.69 0.26 -12.47
C VAL B 16 9.82 -0.99 -12.42
N GLY B 17 10.35 -2.11 -12.90
CA GLY B 17 9.66 -3.38 -12.76
C GLY B 17 9.27 -3.68 -11.32
N GLU B 18 10.24 -3.58 -10.41
CA GLU B 18 9.96 -3.84 -8.99
C GLU B 18 8.82 -2.99 -8.49
N LEU B 19 8.81 -1.71 -8.86
CA LEU B 19 7.76 -0.81 -8.39
C LEU B 19 6.45 -1.03 -9.14
N CYS B 20 6.52 -1.48 -10.40
CA CYS B 20 5.30 -1.80 -11.12
C CYS B 20 4.66 -3.07 -10.59
N LEU B 21 5.43 -3.93 -9.91
CA LEU B 21 4.87 -5.11 -9.26
C LEU B 21 4.26 -4.77 -7.91
N LEU B 22 4.98 -3.99 -7.09
CA LEU B 22 4.46 -3.59 -5.78
C LEU B 22 3.09 -2.95 -5.90
N GLU B 23 2.82 -2.26 -7.01
CA GLU B 23 1.56 -1.56 -7.21
C GLU B 23 0.64 -2.29 -8.16
N ASN B 24 1.02 -3.47 -8.64
CA ASN B 24 0.15 -4.32 -9.45
C ASN B 24 -0.25 -3.64 -10.76
N LEU B 25 0.70 -2.95 -11.38
CA LEU B 25 0.39 -2.20 -12.59
C LEU B 25 0.20 -3.10 -13.80
N GLY B 26 0.96 -4.19 -13.90
CA GLY B 26 0.78 -5.09 -15.01
C GLY B 26 1.82 -6.19 -15.01
N ASP B 27 1.74 -7.04 -16.04
CA ASP B 27 2.78 -8.01 -16.33
C ASP B 27 4.01 -7.30 -16.89
N LEU B 28 5.18 -7.90 -16.69
CA LEU B 28 6.44 -7.30 -17.07
C LEU B 28 7.10 -8.07 -18.21
N ILE B 29 7.62 -7.33 -19.18
CA ILE B 29 8.58 -7.82 -20.16
C ILE B 29 9.89 -7.10 -19.91
N LEU B 30 10.91 -7.83 -19.45
CA LEU B 30 12.24 -7.28 -19.24
C LEU B 30 13.10 -7.64 -20.46
N TYR B 31 13.36 -6.65 -21.31
CA TYR B 31 14.16 -6.83 -22.52
C TYR B 31 15.52 -6.15 -22.36
N ASP B 32 16.55 -6.81 -22.88
CA ASP B 32 17.89 -6.22 -22.96
C ASP B 32 18.63 -6.87 -24.11
N VAL B 33 19.72 -6.22 -24.53
CA VAL B 33 20.52 -6.76 -25.62
C VAL B 33 21.55 -7.78 -25.14
N VAL B 34 21.96 -7.72 -23.88
CA VAL B 34 23.02 -8.58 -23.35
C VAL B 34 22.39 -9.89 -22.90
N PRO B 35 22.80 -11.03 -23.44
CA PRO B 35 22.19 -12.31 -23.05
C PRO B 35 22.35 -12.60 -21.57
N GLY B 36 21.27 -13.10 -20.97
CA GLY B 36 21.26 -13.57 -19.59
C GLY B 36 20.83 -12.55 -18.57
N ILE B 37 21.16 -11.28 -18.79
CA ILE B 37 20.84 -10.25 -17.79
C ILE B 37 19.34 -10.15 -17.50
N PRO B 38 18.46 -10.02 -18.51
CA PRO B 38 17.03 -9.92 -18.17
C PRO B 38 16.45 -11.21 -17.60
N GLN B 39 16.95 -12.38 -18.05
CA GLN B 39 16.47 -13.63 -17.48
C GLN B 39 16.82 -13.73 -16.00
N GLY B 40 18.05 -13.35 -15.63
CA GLY B 40 18.43 -13.41 -14.23
C GLY B 40 17.61 -12.47 -13.36
N LYS B 41 17.47 -11.21 -13.80
CA LYS B 41 16.71 -10.24 -13.03
C LYS B 41 15.23 -10.60 -12.96
N ALA B 42 14.69 -11.17 -14.04
CA ALA B 42 13.28 -11.59 -14.03
C ALA B 42 13.05 -12.65 -12.96
N LEU B 43 13.94 -13.64 -12.87
CA LEU B 43 13.83 -14.67 -11.84
C LEU B 43 13.84 -14.05 -10.45
N ASP B 44 14.76 -13.11 -10.22
CA ASP B 44 14.85 -12.43 -8.92
C ASP B 44 13.56 -11.70 -8.59
N LEU B 45 13.04 -10.93 -9.54
CA LEU B 45 11.77 -10.26 -9.33
C LEU B 45 10.64 -11.26 -9.09
N LYS B 46 10.71 -12.44 -9.70
CA LYS B 46 9.70 -13.46 -9.48
C LYS B 46 9.69 -13.91 -8.02
N HIS B 47 10.87 -14.15 -7.45
CA HIS B 47 10.95 -14.58 -6.06
C HIS B 47 10.58 -13.44 -5.13
N PHE B 48 11.05 -12.23 -5.44
CA PHE B 48 10.58 -11.02 -4.78
C PHE B 48 9.06 -10.95 -4.77
N SER B 49 8.44 -11.20 -5.94
CA SER B 49 6.98 -11.16 -6.04
C SER B 49 6.33 -12.15 -5.09
N THR B 50 6.82 -13.39 -5.07
CA THR B 50 6.26 -14.41 -4.19
C THR B 50 6.35 -13.98 -2.73
N ILE B 51 7.49 -13.44 -2.32
CA ILE B 51 7.69 -13.04 -0.92
C ILE B 51 6.66 -12.00 -0.50
N LEU B 52 6.31 -11.10 -1.41
CA LEU B 52 5.44 -9.97 -1.09
C LEU B 52 4.01 -10.16 -1.58
N GLY B 53 3.69 -11.32 -2.14
CA GLY B 53 2.32 -11.61 -2.50
C GLY B 53 1.85 -10.96 -3.80
N VAL B 54 2.72 -10.88 -4.80
CA VAL B 54 2.38 -10.36 -6.11
C VAL B 54 2.36 -11.53 -7.09
N ASN B 55 1.33 -11.55 -7.95
CA ASN B 55 1.07 -12.69 -8.82
C ASN B 55 1.22 -12.37 -10.30
N ARG B 56 1.79 -11.22 -10.63
CA ARG B 56 1.94 -10.81 -12.03
C ARG B 56 3.00 -11.64 -12.74
N ASN B 57 2.82 -11.79 -14.05
CA ASN B 57 3.73 -12.54 -14.90
C ASN B 57 4.98 -11.72 -15.20
N ILE B 58 6.14 -12.38 -15.21
CA ILE B 58 7.42 -11.74 -15.48
C ILE B 58 8.19 -12.58 -16.50
N LEU B 59 8.66 -11.95 -17.57
CA LEU B 59 9.43 -12.62 -18.60
C LEU B 59 10.67 -11.79 -18.93
N GLY B 60 11.85 -12.39 -18.72
CA GLY B 60 13.11 -11.81 -19.18
C GLY B 60 13.52 -12.37 -20.53
N THR B 61 13.73 -11.49 -21.52
CA THR B 61 14.00 -11.94 -22.87
C THR B 61 15.10 -11.11 -23.51
N ASN B 62 15.76 -11.72 -24.49
CA ASN B 62 16.65 -11.03 -25.41
C ASN B 62 16.03 -10.89 -26.80
N GLN B 63 14.76 -11.24 -26.96
CA GLN B 63 14.08 -11.21 -28.25
C GLN B 63 13.07 -10.08 -28.24
N ILE B 64 13.32 -9.06 -29.06
CA ILE B 64 12.50 -7.85 -29.01
C ILE B 64 11.08 -8.13 -29.49
N GLU B 65 10.88 -9.15 -30.33
CA GLU B 65 9.51 -9.47 -30.76
C GLU B 65 8.61 -9.85 -29.59
N ASP B 66 9.15 -10.07 -28.40
CA ASP B 66 8.38 -10.32 -27.20
C ASP B 66 7.79 -9.04 -26.62
N ILE B 67 7.91 -7.94 -27.35
CA ILE B 67 7.38 -6.64 -26.97
C ILE B 67 5.96 -6.48 -27.52
N LYS B 68 5.43 -7.54 -28.15
CA LYS B 68 4.18 -7.44 -28.90
C LYS B 68 3.02 -6.97 -28.01
N ASP B 69 2.15 -6.14 -28.59
CA ASP B 69 0.95 -5.62 -27.93
C ASP B 69 1.23 -5.02 -26.56
N ALA B 70 2.46 -4.57 -26.32
CA ALA B 70 2.77 -3.90 -25.06
C ALA B 70 1.94 -2.63 -24.91
N ASP B 71 1.35 -2.45 -23.73
CA ASP B 71 0.63 -1.22 -23.46
C ASP B 71 1.57 -0.09 -23.02
N ILE B 72 2.65 -0.42 -22.30
CA ILE B 72 3.57 0.56 -21.76
C ILE B 72 4.98 0.20 -22.22
N ILE B 73 5.78 1.23 -22.55
CA ILE B 73 7.17 1.05 -22.94
C ILE B 73 8.03 2.04 -22.17
N VAL B 74 9.07 1.53 -21.51
CA VAL B 74 10.02 2.33 -20.76
C VAL B 74 11.41 2.06 -21.33
N ILE B 75 12.01 3.07 -21.94
CA ILE B 75 13.28 2.91 -22.65
C ILE B 75 14.41 3.49 -21.82
N THR B 76 15.26 2.60 -21.28
CA THR B 76 16.51 3.00 -20.66
C THR B 76 17.73 2.52 -21.45
N ALA B 77 17.51 1.90 -22.61
CA ALA B 77 18.59 1.34 -23.42
C ALA B 77 19.57 2.41 -23.86
N GLY B 78 20.84 2.21 -23.55
CA GLY B 78 21.92 3.08 -23.97
C GLY B 78 23.15 2.82 -23.12
N VAL B 79 23.97 3.86 -22.99
CA VAL B 79 25.04 3.89 -22.00
C VAL B 79 24.85 5.14 -21.14
N LEU B 90 27.12 11.44 -24.73
CA LEU B 90 26.57 10.17 -25.24
C LEU B 90 25.97 10.28 -26.64
N ILE B 91 25.45 11.45 -27.01
CA ILE B 91 24.51 11.70 -28.11
C ILE B 91 24.63 10.76 -29.32
N GLY B 92 25.84 10.31 -29.63
CA GLY B 92 26.05 9.51 -30.83
C GLY B 92 25.61 8.05 -30.72
N VAL B 93 26.00 7.39 -29.63
CA VAL B 93 25.78 5.95 -29.51
C VAL B 93 24.37 5.63 -29.03
N ASN B 94 23.78 6.49 -28.20
CA ASN B 94 22.41 6.29 -27.75
C ASN B 94 21.39 6.62 -28.82
N GLY B 95 21.67 7.63 -29.65
CA GLY B 95 20.73 7.94 -30.73
C GLY B 95 20.54 6.80 -31.70
N LYS B 96 21.63 6.11 -32.04
CA LYS B 96 21.53 4.91 -32.87
C LYS B 96 20.66 3.85 -32.20
N ILE B 97 20.92 3.56 -30.93
CA ILE B 97 20.12 2.60 -30.18
C ILE B 97 18.67 3.04 -30.16
N MET B 98 18.42 4.32 -29.89
CA MET B 98 17.06 4.82 -29.78
C MET B 98 16.31 4.70 -31.11
N LYS B 99 17.01 4.93 -32.22
CA LYS B 99 16.40 4.73 -33.53
C LYS B 99 15.96 3.29 -33.73
N SER B 100 16.81 2.34 -33.32
CA SER B 100 16.48 0.93 -33.50
C SER B 100 15.26 0.52 -32.67
N VAL B 101 15.27 0.85 -31.38
CA VAL B 101 14.10 0.60 -30.53
C VAL B 101 12.86 1.26 -31.12
N ALA B 102 13.00 2.49 -31.61
CA ALA B 102 11.87 3.18 -32.24
C ALA B 102 11.26 2.36 -33.36
N GLU B 103 12.10 1.89 -34.29
CA GLU B 103 11.60 1.05 -35.37
C GLU B 103 10.93 -0.20 -34.82
N SER B 104 11.58 -0.87 -33.87
CA SER B 104 11.01 -2.08 -33.27
C SER B 104 9.64 -1.81 -32.65
N VAL B 105 9.48 -0.67 -31.98
CA VAL B 105 8.21 -0.34 -31.36
C VAL B 105 7.13 -0.12 -32.41
N LYS B 106 7.50 0.40 -33.58
CA LYS B 106 6.51 0.63 -34.64
C LYS B 106 5.90 -0.69 -35.11
N LEU B 107 6.73 -1.68 -35.45
CA LEU B 107 6.20 -2.86 -36.11
C LEU B 107 5.64 -3.88 -35.12
N HIS B 108 6.01 -3.79 -33.85
CA HIS B 108 5.60 -4.76 -32.85
C HIS B 108 4.53 -4.24 -31.90
N CYS B 109 4.63 -2.97 -31.47
CA CYS B 109 3.74 -2.45 -30.41
C CYS B 109 3.39 -0.98 -30.68
N SER B 110 2.83 -0.72 -31.87
CA SER B 110 2.58 0.64 -32.31
C SER B 110 1.61 1.41 -31.41
N LYS B 111 0.79 0.73 -30.61
CA LYS B 111 -0.22 1.41 -29.81
C LYS B 111 0.19 1.52 -28.34
N ALA B 112 1.49 1.48 -28.05
CA ALA B 112 2.01 1.64 -26.69
C ALA B 112 2.25 3.10 -26.33
N PHE B 113 1.99 3.43 -25.07
CA PHE B 113 2.46 4.65 -24.46
C PHE B 113 3.94 4.51 -24.10
N VAL B 114 4.76 5.50 -24.49
CA VAL B 114 6.21 5.37 -24.51
C VAL B 114 6.83 6.40 -23.57
N ILE B 115 7.60 5.93 -22.59
CA ILE B 115 8.31 6.78 -21.63
C ILE B 115 9.81 6.61 -21.88
N CYS B 116 10.44 7.61 -22.49
CA CYS B 116 11.88 7.58 -22.76
C CYS B 116 12.66 8.08 -21.55
N VAL B 117 13.82 7.45 -21.29
CA VAL B 117 14.64 7.80 -20.14
C VAL B 117 16.09 8.06 -20.55
N SER B 118 16.55 7.36 -21.59
CA SER B 118 17.96 7.43 -22.00
C SER B 118 18.42 8.87 -22.23
N ASN B 119 19.69 9.15 -21.83
CA ASN B 119 20.25 10.49 -21.90
C ASN B 119 21.05 10.67 -23.19
N PRO B 120 21.15 11.92 -23.70
CA PRO B 120 20.45 13.10 -23.18
C PRO B 120 18.95 13.09 -23.46
N LEU B 121 18.15 13.36 -22.42
CA LEU B 121 16.74 13.00 -22.45
C LEU B 121 15.99 13.74 -23.53
N ASP B 122 15.98 15.08 -23.47
CA ASP B 122 15.14 15.84 -24.39
C ASP B 122 15.58 15.63 -25.83
N ILE B 123 16.85 15.30 -26.03
CA ILE B 123 17.35 14.96 -27.35
C ILE B 123 16.83 13.59 -27.77
N MET B 124 16.84 12.62 -26.83
CA MET B 124 16.51 11.24 -27.17
C MET B 124 15.02 11.03 -27.37
N VAL B 125 14.17 11.84 -26.73
CA VAL B 125 12.73 11.72 -26.97
C VAL B 125 12.38 12.16 -28.37
N ASN B 126 13.07 13.19 -28.87
CA ASN B 126 12.84 13.64 -30.24
C ASN B 126 13.33 12.61 -31.25
N VAL B 127 14.50 12.00 -30.99
CA VAL B 127 14.98 10.92 -31.85
C VAL B 127 13.95 9.81 -31.95
N PHE B 128 13.37 9.43 -30.81
CA PHE B 128 12.37 8.36 -30.83
C PHE B 128 11.16 8.77 -31.67
N HIS B 129 10.73 10.02 -31.55
CA HIS B 129 9.58 10.48 -32.32
C HIS B 129 9.84 10.42 -33.81
N LYS B 130 11.01 10.91 -34.24
CA LYS B 130 11.29 11.01 -35.68
C LYS B 130 11.24 9.65 -36.36
N PHE B 131 11.67 8.59 -35.68
CA PHE B 131 11.81 7.28 -36.28
C PHE B 131 10.72 6.31 -35.85
N SER B 132 9.89 6.67 -34.87
CA SER B 132 8.83 5.80 -34.40
C SER B 132 7.63 5.78 -35.33
N ASN B 133 7.31 6.92 -35.95
CA ASN B 133 6.01 7.16 -36.58
C ASN B 133 4.84 6.97 -35.59
N LEU B 134 5.09 7.06 -34.30
CA LEU B 134 4.05 7.04 -33.29
C LEU B 134 3.37 8.41 -33.17
N PRO B 135 2.13 8.46 -32.69
CA PRO B 135 1.53 9.76 -32.36
C PRO B 135 2.33 10.48 -31.29
N HIS B 136 2.42 11.81 -31.41
CA HIS B 136 3.24 12.57 -30.47
C HIS B 136 2.66 12.58 -29.06
N GLU B 137 1.35 12.42 -28.91
CA GLU B 137 0.77 12.39 -27.57
C GLU B 137 1.03 11.08 -26.85
N LYS B 138 1.45 10.03 -27.57
CA LYS B 138 1.75 8.74 -26.96
C LYS B 138 3.21 8.59 -26.58
N ILE B 139 4.00 9.66 -26.72
CA ILE B 139 5.43 9.65 -26.46
C ILE B 139 5.74 10.68 -25.39
N CYS B 140 6.71 10.36 -24.53
CA CYS B 140 7.14 11.29 -23.50
C CYS B 140 8.51 10.88 -22.98
N GLY B 141 9.18 11.83 -22.34
CA GLY B 141 10.35 11.54 -21.53
C GLY B 141 10.14 12.00 -20.10
N MET B 142 10.80 11.32 -19.17
CA MET B 142 10.77 11.70 -17.76
C MET B 142 12.01 12.53 -17.44
N ALA B 143 11.79 13.76 -17.00
CA ALA B 143 12.85 14.56 -16.42
C ALA B 143 12.30 15.45 -15.31
N GLY B 144 11.32 16.28 -15.67
CA GLY B 144 10.86 17.33 -14.78
C GLY B 144 10.52 16.86 -13.39
N ILE B 145 9.93 15.66 -13.27
CA ILE B 145 9.48 15.20 -11.97
C ILE B 145 10.67 14.98 -11.04
N LEU B 146 11.82 14.63 -11.62
CA LEU B 146 13.02 14.40 -10.82
C LEU B 146 13.63 15.71 -10.35
N ASP B 147 13.68 16.71 -11.23
CA ASP B 147 14.14 18.04 -10.85
C ASP B 147 13.17 18.68 -9.85
N THR B 148 11.86 18.58 -10.13
CA THR B 148 10.84 19.13 -9.22
C THR B 148 10.96 18.54 -7.82
N SER B 149 11.12 17.21 -7.73
CA SER B 149 11.19 16.56 -6.42
C SER B 149 12.40 17.02 -5.63
N ARG B 150 13.55 17.14 -6.28
CA ARG B 150 14.75 17.60 -5.58
C ARG B 150 14.57 19.03 -5.08
N TYR B 151 14.00 19.90 -5.91
CA TYR B 151 13.72 21.27 -5.52
C TYR B 151 12.71 21.32 -4.38
N CYS B 152 11.62 20.55 -4.50
CA CYS B 152 10.59 20.57 -3.47
C CYS B 152 11.09 19.98 -2.16
N SER B 153 11.94 18.94 -2.23
CA SER B 153 12.53 18.40 -1.01
C SER B 153 13.42 19.42 -0.32
N LEU B 154 14.26 20.12 -1.08
CA LEU B 154 15.17 21.09 -0.48
C LEU B 154 14.41 22.26 0.12
N ILE B 155 13.30 22.66 -0.50
CA ILE B 155 12.48 23.72 0.06
C ILE B 155 11.84 23.26 1.36
N ALA B 156 11.28 22.06 1.37
CA ALA B 156 10.62 21.55 2.56
C ALA B 156 11.60 21.39 3.73
N ASP B 157 12.85 21.00 3.44
CA ASP B 157 13.84 20.87 4.50
C ASP B 157 14.11 22.20 5.18
N LYS B 158 14.39 23.21 4.38
CA LYS B 158 14.58 24.54 4.92
C LYS B 158 13.31 25.06 5.62
N LEU B 159 12.12 24.82 5.08
CA LEU B 159 10.95 25.33 5.79
C LEU B 159 10.50 24.43 6.94
N LYS B 160 11.26 23.37 7.20
CA LYS B 160 10.96 22.39 8.25
C LYS B 160 9.50 21.92 8.14
N VAL B 161 9.12 21.54 6.92
CA VAL B 161 7.82 20.95 6.64
C VAL B 161 8.01 19.67 5.85
N SER B 162 7.02 18.78 5.93
CA SER B 162 6.94 17.64 5.02
C SER B 162 6.93 18.11 3.57
N ALA B 163 7.60 17.34 2.71
CA ALA B 163 7.58 17.59 1.27
C ALA B 163 6.24 17.25 0.62
N GLU B 164 5.36 16.52 1.33
CA GLU B 164 4.19 15.91 0.69
C GLU B 164 3.34 16.91 -0.09
N ASP B 165 3.24 18.15 0.39
CA ASP B 165 2.41 19.16 -0.26
C ASP B 165 3.21 20.37 -0.72
N VAL B 166 4.50 20.19 -0.97
CA VAL B 166 5.31 21.20 -1.63
C VAL B 166 5.24 20.95 -3.14
N ASN B 167 4.69 21.92 -3.88
CA ASN B 167 4.45 21.78 -5.31
C ASN B 167 5.22 22.86 -6.05
N ALA B 168 5.69 22.54 -7.25
CA ALA B 168 6.41 23.51 -8.05
C ALA B 168 6.38 23.12 -9.52
N VAL B 169 6.36 24.14 -10.38
CA VAL B 169 6.55 23.98 -11.82
C VAL B 169 8.01 24.29 -12.13
N ILE B 170 8.71 23.34 -12.75
CA ILE B 170 10.03 23.59 -13.32
C ILE B 170 9.97 23.24 -14.79
N LEU B 171 10.11 24.25 -15.64
CA LEU B 171 10.11 24.08 -17.08
C LEU B 171 11.52 23.77 -17.60
N GLY B 172 11.56 23.13 -18.74
CA GLY B 172 12.74 23.06 -19.58
C GLY B 172 13.49 21.76 -19.42
N GLY B 173 14.64 21.73 -20.08
CA GLY B 173 15.45 20.52 -20.12
C GLY B 173 16.02 20.13 -18.77
N HIS B 174 16.32 18.85 -18.66
CA HIS B 174 16.95 18.20 -17.50
C HIS B 174 18.45 18.49 -17.32
N GLY B 175 18.84 19.74 -17.07
CA GLY B 175 20.24 20.09 -16.95
C GLY B 175 20.44 21.47 -16.36
N ASP B 176 21.41 22.25 -16.90
CA ASP B 176 21.61 23.67 -16.62
C ASP B 176 20.73 24.59 -17.42
N LEU B 177 19.85 24.05 -18.22
CA LEU B 177 18.78 24.87 -18.78
C LEU B 177 17.45 24.50 -18.11
N MET B 178 17.47 24.61 -16.79
CA MET B 178 16.24 24.59 -16.00
C MET B 178 15.60 25.97 -15.95
N VAL B 179 14.29 25.97 -15.79
CA VAL B 179 13.54 27.20 -15.55
C VAL B 179 12.62 26.99 -14.34
N PRO B 180 13.13 27.15 -13.11
CA PRO B 180 12.26 27.03 -11.93
C PRO B 180 11.42 28.29 -11.72
N LEU B 181 10.11 28.08 -11.54
CA LEU B 181 9.16 29.18 -11.34
C LEU B 181 8.84 29.32 -9.85
N GLN B 182 9.50 30.27 -9.18
CA GLN B 182 9.15 30.57 -7.79
C GLN B 182 7.69 31.00 -7.68
N ARG B 183 7.20 31.72 -8.70
CA ARG B 183 5.79 32.08 -8.76
C ARG B 183 4.90 30.86 -8.61
N TYR B 184 5.25 29.78 -9.28
CA TYR B 184 4.47 28.54 -9.27
C TYR B 184 5.03 27.54 -8.27
N THR B 185 5.48 28.01 -7.10
CA THR B 185 5.86 27.17 -5.98
C THR B 185 4.92 27.47 -4.81
N SER B 186 4.40 26.42 -4.18
CA SER B 186 3.44 26.58 -3.09
C SER B 186 3.65 25.48 -2.06
N VAL B 187 3.28 25.78 -0.81
CA VAL B 187 3.35 24.83 0.30
C VAL B 187 1.93 24.65 0.81
N ASN B 188 1.32 23.51 0.48
CA ASN B 188 -0.10 23.24 0.73
C ASN B 188 -0.98 24.42 0.30
N GLY B 189 -0.68 24.94 -0.90
CA GLY B 189 -1.47 26.00 -1.47
C GLY B 189 -1.00 27.40 -1.10
N VAL B 190 -0.06 27.52 -0.18
CA VAL B 190 0.46 28.82 0.25
C VAL B 190 1.70 29.13 -0.59
N PRO B 191 1.70 30.22 -1.37
CA PRO B 191 2.84 30.49 -2.26
C PRO B 191 4.14 30.65 -1.48
N LEU B 192 5.24 30.30 -2.15
CA LEU B 192 6.56 30.42 -1.55
C LEU B 192 6.83 31.84 -1.07
N SER B 193 6.38 32.85 -1.84
CA SER B 193 6.43 34.26 -1.47
C SER B 193 6.01 34.50 -0.02
N GLU B 194 4.92 33.85 0.41
CA GLU B 194 4.43 34.08 1.77
C GLU B 194 5.47 33.69 2.81
N PHE B 195 6.38 32.77 2.45
CA PHE B 195 7.41 32.34 3.39
C PHE B 195 8.62 33.27 3.40
N VAL B 196 8.97 33.89 2.28
CA VAL B 196 10.03 34.90 2.32
C VAL B 196 9.53 36.14 3.04
N LYS B 197 8.24 36.45 2.85
CA LYS B 197 7.56 37.50 3.61
C LYS B 197 7.74 37.31 5.10
N LYS B 198 7.47 36.12 5.63
CA LYS B 198 7.59 35.87 7.05
C LYS B 198 9.03 35.59 7.47
N ASN B 199 9.99 35.80 6.57
CA ASN B 199 11.41 35.65 6.86
C ASN B 199 11.73 34.22 7.24
N MET B 200 10.93 33.27 6.75
CA MET B 200 11.25 31.89 6.96
C MET B 200 12.23 31.40 5.90
N ILE B 201 12.35 32.08 4.76
CA ILE B 201 13.31 31.67 3.77
C ILE B 201 13.72 32.99 3.09
N SER B 202 14.93 33.01 2.54
CA SER B 202 15.52 34.18 1.85
C SER B 202 15.64 33.86 0.37
N GLN B 203 15.76 34.90 -0.45
CA GLN B 203 15.96 34.70 -1.89
C GLN B 203 17.31 34.07 -2.18
N ASN B 204 18.33 34.40 -1.38
CA ASN B 204 19.64 33.77 -1.55
C ASN B 204 19.56 32.26 -1.28
N GLU B 205 18.86 31.88 -0.21
CA GLU B 205 18.64 30.47 0.07
C GLU B 205 17.91 29.77 -1.08
N ILE B 206 16.92 30.44 -1.67
CA ILE B 206 16.17 29.82 -2.75
C ILE B 206 17.03 29.65 -4.00
N GLN B 207 17.92 30.62 -4.27
CA GLN B 207 18.81 30.49 -5.42
C GLN B 207 19.91 29.47 -5.16
N GLU B 208 20.33 29.34 -3.90
CA GLU B 208 21.20 28.24 -3.51
C GLU B 208 20.54 26.90 -3.81
N ILE B 209 19.28 26.75 -3.38
CA ILE B 209 18.53 25.53 -3.64
C ILE B 209 18.42 25.25 -5.14
N ILE B 210 18.26 26.31 -5.95
CA ILE B 210 18.12 26.11 -7.39
C ILE B 210 19.40 25.54 -8.00
N GLN B 211 20.56 26.05 -7.60
CA GLN B 211 21.80 25.54 -8.16
C GLN B 211 22.08 24.12 -7.68
N LYS B 212 21.70 23.80 -6.44
CA LYS B 212 21.77 22.43 -5.97
C LYS B 212 20.90 21.52 -6.83
N THR B 213 19.66 21.95 -7.11
CA THR B 213 18.78 21.19 -7.98
C THR B 213 19.43 20.98 -9.34
N ARG B 214 20.10 22.01 -9.86
CA ARG B 214 20.76 21.91 -11.16
C ARG B 214 21.94 20.94 -11.11
N ASN B 215 22.62 20.85 -9.96
CA ASN B 215 23.83 20.05 -9.84
C ASN B 215 23.60 18.70 -9.19
N MET B 216 22.33 18.33 -8.91
CA MET B 216 22.07 17.14 -8.10
C MET B 216 22.50 15.87 -8.84
N GLY B 217 22.20 15.77 -10.13
CA GLY B 217 22.65 14.62 -10.91
C GLY B 217 24.14 14.39 -10.80
N ALA B 218 24.92 15.45 -10.98
CA ALA B 218 26.38 15.31 -10.89
C ALA B 218 26.83 15.03 -9.47
N GLU B 219 26.11 15.55 -8.48
CA GLU B 219 26.52 15.32 -7.09
C GLU B 219 26.29 13.87 -6.67
N ILE B 220 25.16 13.28 -7.05
CA ILE B 220 24.94 11.86 -6.82
C ILE B 220 26.04 11.03 -7.49
N ILE B 221 26.31 11.33 -8.76
CA ILE B 221 27.34 10.60 -9.49
C ILE B 221 28.68 10.70 -8.75
N LYS B 222 29.08 11.90 -8.31
CA LYS B 222 30.41 12.03 -7.68
C LYS B 222 30.48 11.28 -6.36
N LEU B 223 29.37 11.20 -5.64
CA LEU B 223 29.38 10.52 -4.36
C LEU B 223 29.21 9.00 -4.54
N ALA B 224 28.15 8.59 -5.23
CA ALA B 224 27.82 7.18 -5.36
C ALA B 224 28.56 6.49 -6.50
N LYS B 225 29.31 7.24 -7.31
CA LYS B 225 29.99 6.69 -8.50
C LYS B 225 29.00 6.01 -9.44
N ALA B 226 27.75 6.49 -9.43
CA ALA B 226 26.70 5.98 -10.29
C ALA B 226 25.56 6.99 -10.31
N SER B 227 24.86 7.05 -11.45
CA SER B 227 23.71 7.94 -11.57
C SER B 227 22.53 7.41 -10.77
N ALA B 228 21.72 8.34 -10.27
CA ALA B 228 20.49 8.04 -9.54
C ALA B 228 19.63 6.97 -10.22
N ALA B 229 18.92 6.16 -9.42
CA ALA B 229 18.15 5.06 -9.96
C ALA B 229 16.78 4.97 -9.30
N PHE B 230 16.73 5.06 -7.97
CA PHE B 230 15.47 4.89 -7.25
C PHE B 230 14.49 6.00 -7.59
N ALA B 231 14.90 7.26 -7.40
CA ALA B 231 14.00 8.37 -7.70
C ALA B 231 13.57 8.39 -9.17
N PRO B 232 14.46 8.26 -10.16
CA PRO B 232 13.97 8.14 -11.56
C PRO B 232 12.93 7.06 -11.74
N ALA B 233 13.20 5.85 -11.23
CA ALA B 233 12.23 4.76 -11.33
C ALA B 233 10.87 5.16 -10.75
N ALA B 234 10.87 5.85 -9.61
CA ALA B 234 9.61 6.25 -9.00
C ALA B 234 8.88 7.28 -9.85
N ALA B 235 9.63 8.21 -10.44
CA ALA B 235 9.03 9.17 -11.37
C ALA B 235 8.37 8.46 -12.55
N ILE B 236 9.07 7.49 -13.14
CA ILE B 236 8.54 6.75 -14.28
C ILE B 236 7.26 6.01 -13.88
N THR B 237 7.33 5.26 -12.79
CA THR B 237 6.18 4.49 -12.32
C THR B 237 4.95 5.37 -12.15
N LYS B 238 5.15 6.60 -11.67
CA LYS B 238 4.02 7.50 -11.49
C LYS B 238 3.48 8.00 -12.83
N MET B 239 4.34 8.11 -13.83
CA MET B 239 3.82 8.42 -15.15
C MET B 239 3.09 7.22 -15.76
N ILE B 240 3.60 6.02 -15.52
CA ILE B 240 2.88 4.80 -15.91
C ILE B 240 1.50 4.78 -15.26
N LYS B 241 1.47 4.99 -13.94
CA LYS B 241 0.22 5.01 -13.18
C LYS B 241 -0.78 6.00 -13.78
N SER B 242 -0.34 7.25 -13.98
CA SER B 242 -1.20 8.28 -14.54
C SER B 242 -1.86 7.83 -15.84
N TYR B 243 -1.11 7.13 -16.70
CA TYR B 243 -1.64 6.71 -17.98
C TYR B 243 -2.65 5.58 -17.83
N LEU B 244 -2.28 4.53 -17.11
CA LEU B 244 -3.13 3.33 -17.04
C LEU B 244 -4.44 3.62 -16.32
N TYR B 245 -4.41 4.44 -15.27
CA TYR B 245 -5.60 4.68 -14.45
C TYR B 245 -6.33 5.96 -14.86
N ASN B 246 -6.02 6.51 -16.04
CA ASN B 246 -6.69 7.69 -16.58
C ASN B 246 -6.80 8.79 -15.53
N GLU B 247 -5.65 9.15 -14.96
CA GLU B 247 -5.62 9.95 -13.75
C GLU B 247 -5.61 11.45 -13.99
N ASN B 248 -5.06 11.89 -15.12
CA ASN B 248 -5.01 13.30 -15.48
C ASN B 248 -4.12 14.11 -14.52
N ASN B 249 -3.11 13.46 -13.94
CA ASN B 249 -2.21 14.15 -13.04
C ASN B 249 -1.30 15.10 -13.82
N LEU B 250 -0.90 16.18 -13.17
CA LEU B 250 -0.15 17.25 -13.81
C LEU B 250 1.32 17.12 -13.43
N PHE B 251 2.16 16.82 -14.41
CA PHE B 251 3.60 16.69 -14.22
C PHE B 251 4.32 17.66 -15.15
N THR B 252 5.60 17.85 -14.88
CA THR B 252 6.53 18.35 -15.88
C THR B 252 7.28 17.17 -16.49
N CYS B 253 7.22 17.08 -17.80
CA CYS B 253 7.77 15.96 -18.55
C CYS B 253 8.29 16.50 -19.87
N ALA B 254 9.10 15.69 -20.56
CA ALA B 254 9.33 15.96 -21.96
C ALA B 254 8.05 15.65 -22.73
N VAL B 255 7.54 16.64 -23.47
CA VAL B 255 6.23 16.53 -24.09
C VAL B 255 6.23 17.33 -25.38
N TYR B 256 5.35 16.95 -26.30
CA TYR B 256 5.29 17.58 -27.62
C TYR B 256 4.58 18.92 -27.50
N LEU B 257 5.31 20.00 -27.72
CA LEU B 257 4.69 21.31 -27.80
C LEU B 257 4.14 21.52 -29.20
N ASN B 258 3.03 22.25 -29.27
CA ASN B 258 2.34 22.47 -30.53
C ASN B 258 1.75 23.88 -30.53
N GLY B 259 2.63 24.88 -30.44
CA GLY B 259 2.26 26.26 -30.30
C GLY B 259 2.39 26.78 -28.88
N HIS B 260 2.29 25.88 -27.90
CA HIS B 260 2.46 26.24 -26.49
C HIS B 260 3.84 26.83 -26.22
N TYR B 261 3.86 27.87 -25.38
CA TYR B 261 5.10 28.56 -25.01
C TYR B 261 5.93 28.97 -26.22
N ASN B 262 5.24 29.40 -27.27
CA ASN B 262 5.84 29.93 -28.50
C ASN B 262 6.65 28.89 -29.27
N CYS B 263 6.46 27.60 -28.99
CA CYS B 263 7.23 26.54 -29.62
C CYS B 263 6.31 25.49 -30.21
N SER B 264 6.67 24.98 -31.39
CA SER B 264 5.95 23.89 -32.04
C SER B 264 6.93 22.91 -32.66
N ASN B 265 6.53 21.64 -32.66
CA ASN B 265 7.24 20.58 -33.38
C ASN B 265 8.56 20.22 -32.69
N LEU B 266 8.48 20.02 -31.37
CA LEU B 266 9.64 19.64 -30.58
C LEU B 266 9.21 19.12 -29.22
N PHE B 267 9.79 18.01 -28.78
CA PHE B 267 9.63 17.55 -27.41
C PHE B 267 10.57 18.32 -26.50
N VAL B 268 10.04 18.90 -25.43
CA VAL B 268 10.82 19.66 -24.47
C VAL B 268 10.19 19.49 -23.09
N GLY B 269 11.00 19.70 -22.06
CA GLY B 269 10.47 19.71 -20.70
C GLY B 269 9.42 20.78 -20.51
N SER B 270 8.18 20.38 -20.23
CA SER B 270 7.08 21.32 -20.08
C SER B 270 6.06 20.76 -19.10
N THR B 271 5.06 21.55 -18.78
CA THR B 271 3.93 21.10 -17.98
C THR B 271 2.96 20.29 -18.85
N ALA B 272 2.48 19.17 -18.30
CA ALA B 272 1.63 18.29 -19.09
C ALA B 272 0.69 17.47 -18.21
N LYS B 273 -0.46 17.12 -18.78
CA LYS B 273 -1.34 16.09 -18.23
C LYS B 273 -1.05 14.76 -18.90
N ILE B 274 -1.02 13.69 -18.10
CA ILE B 274 -0.96 12.33 -18.61
C ILE B 274 -2.29 11.65 -18.33
N ASN B 275 -2.81 10.94 -19.32
CA ASN B 275 -4.08 10.21 -19.17
C ASN B 275 -4.16 9.13 -20.25
N ASN B 276 -5.28 8.42 -20.25
CA ASN B 276 -5.67 7.44 -21.27
C ASN B 276 -5.07 7.69 -22.64
N LYS B 277 -5.23 8.90 -23.16
CA LYS B 277 -4.86 9.20 -24.53
C LYS B 277 -3.45 9.75 -24.65
N GLY B 278 -2.72 9.83 -23.54
CA GLY B 278 -1.29 10.07 -23.58
C GLY B 278 -0.82 11.24 -22.75
N ALA B 279 0.15 12.01 -23.28
CA ALA B 279 0.73 13.14 -22.58
C ALA B 279 0.43 14.41 -23.36
N HIS B 280 -0.20 15.38 -22.69
CA HIS B 280 -0.75 16.56 -23.34
C HIS B 280 -0.19 17.83 -22.70
N PRO B 281 0.42 18.73 -23.48
CA PRO B 281 0.99 19.95 -22.89
C PRO B 281 -0.03 20.85 -22.23
N VAL B 282 0.45 21.65 -21.26
CA VAL B 282 -0.30 22.70 -20.60
C VAL B 282 0.47 24.00 -20.71
N GLU B 283 -0.21 25.08 -21.14
CA GLU B 283 0.40 26.40 -21.23
C GLU B 283 -0.08 27.26 -20.07
N PHE B 284 0.85 27.62 -19.16
CA PHE B 284 0.55 28.58 -18.10
C PHE B 284 1.05 29.96 -18.47
N PRO B 285 0.43 31.04 -17.95
CA PRO B 285 0.86 32.39 -18.31
C PRO B 285 2.19 32.79 -17.69
N LEU B 286 3.21 32.97 -18.53
CA LEU B 286 4.55 33.33 -18.09
C LEU B 286 4.79 34.85 -18.22
N THR B 287 5.73 35.35 -17.44
CA THR B 287 6.28 36.69 -17.62
C THR B 287 7.01 36.77 -18.95
N LYS B 288 7.65 37.91 -19.20
CA LYS B 288 8.54 37.91 -20.35
C LYS B 288 9.92 37.38 -19.98
N GLU B 289 10.33 37.51 -18.72
CA GLU B 289 11.59 36.91 -18.32
C GLU B 289 11.45 35.40 -18.13
N GLU B 290 10.28 34.93 -17.71
CA GLU B 290 10.03 33.49 -17.65
C GLU B 290 10.00 32.88 -19.04
N GLN B 291 9.29 33.53 -19.98
CA GLN B 291 9.21 32.98 -21.34
C GLN B 291 10.53 33.19 -22.09
N ASP B 292 11.30 34.21 -21.74
CA ASP B 292 12.57 34.43 -22.41
C ASP B 292 13.57 33.34 -22.04
N LEU B 293 13.75 33.09 -20.74
CA LEU B 293 14.65 32.03 -20.30
C LEU B 293 14.25 30.69 -20.90
N TYR B 294 12.94 30.45 -21.02
CA TYR B 294 12.43 29.18 -21.53
C TYR B 294 12.69 29.06 -23.03
N THR B 295 12.51 30.16 -23.77
CA THR B 295 12.79 30.14 -25.21
C THR B 295 14.26 29.87 -25.50
N GLU B 296 15.17 30.39 -24.66
CA GLU B 296 16.57 30.07 -24.84
C GLU B 296 16.82 28.59 -24.52
N SER B 297 16.19 28.11 -23.45
CA SER B 297 16.22 26.69 -23.13
C SER B 297 15.69 25.86 -24.30
N ILE B 298 14.52 26.23 -24.84
CA ILE B 298 13.93 25.52 -25.97
C ILE B 298 14.82 25.61 -27.20
N ALA B 299 15.58 26.71 -27.34
CA ALA B 299 16.47 26.86 -28.49
C ALA B 299 17.63 25.88 -28.44
N SER B 300 18.21 25.69 -27.25
CA SER B 300 19.32 24.74 -27.12
C SER B 300 18.87 23.32 -27.46
N VAL B 301 17.73 22.91 -26.92
CA VAL B 301 17.19 21.59 -27.24
C VAL B 301 17.00 21.45 -28.75
N GLN B 302 16.57 22.53 -29.42
CA GLN B 302 16.37 22.47 -30.87
C GLN B 302 17.67 22.31 -31.62
N SER B 303 18.72 22.98 -31.18
CA SER B 303 20.00 22.86 -31.87
C SER B 303 20.68 21.53 -31.59
N ASN B 304 20.62 21.05 -30.35
CA ASN B 304 21.25 19.78 -30.03
C ASN B 304 20.48 18.60 -30.61
N THR B 305 19.18 18.77 -30.87
CA THR B 305 18.40 17.71 -31.49
C THR B 305 18.73 17.56 -32.97
N GLN B 306 18.93 18.68 -33.68
CA GLN B 306 19.26 18.55 -35.10
C GLN B 306 20.71 18.14 -35.33
N LYS B 307 21.64 18.61 -34.49
CA LYS B 307 22.96 18.00 -34.49
C LYS B 307 22.85 16.49 -34.26
N ALA B 308 21.99 16.09 -33.34
CA ALA B 308 21.78 14.66 -33.07
C ALA B 308 21.36 13.93 -34.33
N PHE B 309 20.33 14.44 -35.02
CA PHE B 309 19.81 13.74 -36.19
C PHE B 309 20.89 13.57 -37.25
N ASP B 310 21.77 14.56 -37.38
CA ASP B 310 22.83 14.50 -38.37
C ASP B 310 23.97 13.58 -37.94
N LEU B 311 24.31 13.56 -36.65
CA LEU B 311 25.35 12.66 -36.17
C LEU B 311 24.96 11.20 -36.36
N ILE B 312 23.65 10.93 -36.45
CA ILE B 312 23.14 9.58 -36.70
C ILE B 312 23.32 9.22 -38.16
N LYS B 313 23.92 10.11 -38.94
CA LYS B 313 24.30 9.84 -40.31
C LYS B 313 25.81 9.91 -40.45
N MET C 1 -10.49 2.35 -16.84
CA MET C 1 -11.42 1.76 -17.79
C MET C 1 -12.18 0.59 -17.14
N THR C 2 -11.52 -0.08 -16.20
CA THR C 2 -12.16 -1.13 -15.42
C THR C 2 -13.32 -0.55 -14.62
N LYS C 3 -14.52 -1.08 -14.84
CA LYS C 3 -15.72 -0.61 -14.16
C LYS C 3 -16.19 -1.64 -13.13
N ILE C 4 -16.31 -1.22 -11.88
CA ILE C 4 -16.76 -2.05 -10.77
C ILE C 4 -18.13 -1.53 -10.32
N ALA C 5 -19.19 -2.32 -10.57
CA ALA C 5 -20.56 -1.91 -10.27
C ALA C 5 -21.05 -2.57 -8.98
N LEU C 6 -21.43 -1.75 -8.00
CA LEU C 6 -21.94 -2.23 -6.72
C LEU C 6 -23.46 -2.18 -6.73
N ILE C 7 -24.09 -3.34 -6.81
CA ILE C 7 -25.55 -3.41 -6.89
C ILE C 7 -26.06 -3.53 -5.45
N GLY C 8 -26.37 -2.38 -4.86
CA GLY C 8 -26.55 -2.27 -3.43
C GLY C 8 -25.52 -1.35 -2.83
N SER C 9 -25.97 -0.22 -2.27
CA SER C 9 -25.07 0.78 -1.71
C SER C 9 -25.29 0.93 -0.22
N GLY C 10 -25.49 -0.20 0.46
CA GLY C 10 -25.56 -0.26 1.90
C GLY C 10 -24.20 -0.38 2.56
N GLN C 11 -24.18 -1.01 3.73
CA GLN C 11 -22.97 -1.04 4.55
C GLN C 11 -21.85 -1.81 3.87
N ILE C 12 -22.18 -2.97 3.29
CA ILE C 12 -21.15 -3.81 2.68
C ILE C 12 -20.70 -3.24 1.35
N GLY C 13 -21.64 -2.84 0.49
CA GLY C 13 -21.30 -2.26 -0.80
C GLY C 13 -20.48 -1.00 -0.68
N ALA C 14 -20.78 -0.18 0.33
CA ALA C 14 -20.00 1.05 0.51
C ALA C 14 -18.56 0.74 0.89
N ILE C 15 -18.36 -0.25 1.77
CA ILE C 15 -17.00 -0.60 2.19
C ILE C 15 -16.27 -1.36 1.08
N VAL C 16 -16.99 -2.07 0.21
CA VAL C 16 -16.35 -2.69 -0.95
C VAL C 16 -15.81 -1.60 -1.88
N GLY C 17 -16.65 -0.60 -2.18
CA GLY C 17 -16.18 0.56 -2.92
C GLY C 17 -14.96 1.20 -2.30
N GLU C 18 -15.02 1.48 -0.99
CA GLU C 18 -13.89 2.08 -0.29
C GLU C 18 -12.62 1.26 -0.48
N LEU C 19 -12.72 -0.06 -0.40
CA LEU C 19 -11.51 -0.89 -0.47
C LEU C 19 -11.01 -1.08 -1.89
N CYS C 20 -11.90 -1.08 -2.87
CA CYS C 20 -11.44 -1.14 -4.26
C CYS C 20 -10.86 0.18 -4.71
N LEU C 21 -11.16 1.27 -4.01
CA LEU C 21 -10.52 2.54 -4.25
C LEU C 21 -9.13 2.58 -3.63
N LEU C 22 -9.03 2.15 -2.36
CA LEU C 22 -7.75 2.09 -1.67
C LEU C 22 -6.73 1.27 -2.46
N GLU C 23 -7.19 0.26 -3.19
CA GLU C 23 -6.31 -0.63 -3.92
C GLU C 23 -6.31 -0.36 -5.42
N ASN C 24 -7.01 0.68 -5.88
CA ASN C 24 -6.97 1.13 -7.27
C ASN C 24 -7.48 0.06 -8.23
N LEU C 25 -8.54 -0.64 -7.84
CA LEU C 25 -9.04 -1.74 -8.66
C LEU C 25 -9.80 -1.23 -9.89
N GLY C 26 -10.55 -0.14 -9.75
CA GLY C 26 -11.25 0.40 -10.92
C GLY C 26 -12.14 1.56 -10.55
N ASP C 27 -12.84 2.06 -11.56
CA ASP C 27 -13.90 3.03 -11.35
C ASP C 27 -15.11 2.36 -10.70
N LEU C 28 -15.89 3.15 -9.97
CA LEU C 28 -17.03 2.64 -9.22
C LEU C 28 -18.35 3.18 -9.77
N ILE C 29 -19.33 2.29 -9.90
CA ILE C 29 -20.73 2.66 -10.03
C ILE C 29 -21.45 2.15 -8.79
N LEU C 30 -21.95 3.06 -7.96
CA LEU C 30 -22.73 2.71 -6.79
C LEU C 30 -24.21 2.84 -7.13
N TYR C 31 -24.87 1.70 -7.25
CA TYR C 31 -26.30 1.64 -7.58
C TYR C 31 -27.10 1.23 -6.37
N ASP C 32 -28.28 1.84 -6.22
CA ASP C 32 -29.24 1.44 -5.20
C ASP C 32 -30.63 1.84 -5.67
N VAL C 33 -31.64 1.24 -5.04
CA VAL C 33 -33.01 1.55 -5.43
C VAL C 33 -33.53 2.79 -4.70
N VAL C 34 -32.96 3.12 -3.54
CA VAL C 34 -33.47 4.20 -2.70
C VAL C 34 -32.87 5.51 -3.19
N PRO C 35 -33.67 6.49 -3.60
CA PRO C 35 -33.13 7.75 -4.11
C PRO C 35 -32.25 8.46 -3.09
N GLY C 36 -31.11 8.96 -3.56
CA GLY C 36 -30.22 9.77 -2.76
C GLY C 36 -29.10 9.01 -2.07
N ILE C 37 -29.37 7.78 -1.64
CA ILE C 37 -28.36 7.04 -0.88
C ILE C 37 -27.07 6.83 -1.64
N PRO C 38 -27.06 6.31 -2.88
CA PRO C 38 -25.77 6.15 -3.56
C PRO C 38 -25.11 7.48 -3.92
N GLN C 39 -25.90 8.51 -4.24
CA GLN C 39 -25.32 9.82 -4.52
C GLN C 39 -24.60 10.38 -3.31
N GLY C 40 -25.21 10.26 -2.12
CA GLY C 40 -24.57 10.74 -0.92
C GLY C 40 -23.28 10.00 -0.59
N LYS C 41 -23.33 8.67 -0.65
CA LYS C 41 -22.15 7.88 -0.35
C LYS C 41 -21.07 8.07 -1.42
N ALA C 42 -21.47 8.25 -2.69
CA ALA C 42 -20.50 8.51 -3.73
C ALA C 42 -19.71 9.78 -3.45
N LEU C 43 -20.41 10.85 -3.05
CA LEU C 43 -19.73 12.10 -2.70
C LEU C 43 -18.74 11.89 -1.57
N ASP C 44 -19.15 11.14 -0.54
CA ASP C 44 -18.26 10.85 0.59
C ASP C 44 -17.01 10.12 0.13
N LEU C 45 -17.19 9.06 -0.67
CA LEU C 45 -16.05 8.33 -1.20
C LEU C 45 -15.17 9.20 -2.09
N LYS C 46 -15.75 10.17 -2.79
CA LYS C 46 -14.95 11.08 -3.62
C LYS C 46 -14.02 11.93 -2.75
N HIS C 47 -14.55 12.47 -1.65
CA HIS C 47 -13.74 13.28 -0.75
C HIS C 47 -12.72 12.41 -0.01
N PHE C 48 -13.15 11.23 0.41
CA PHE C 48 -12.24 10.22 0.93
C PHE C 48 -11.08 9.96 -0.03
N SER C 49 -11.41 9.76 -1.31
CA SER C 49 -10.38 9.53 -2.32
C SER C 49 -9.40 10.68 -2.41
N THR C 50 -9.91 11.91 -2.44
CA THR C 50 -9.03 13.08 -2.53
C THR C 50 -8.05 13.11 -1.37
N ILE C 51 -8.53 12.84 -0.16
CA ILE C 51 -7.68 12.86 1.03
C ILE C 51 -6.54 11.85 0.89
N LEU C 52 -6.82 10.70 0.30
CA LEU C 52 -5.86 9.62 0.24
C LEU C 52 -5.18 9.47 -1.11
N GLY C 53 -5.46 10.36 -2.06
CA GLY C 53 -4.73 10.35 -3.31
C GLY C 53 -5.19 9.29 -4.30
N VAL C 54 -6.49 9.02 -4.36
CA VAL C 54 -7.06 8.10 -5.33
C VAL C 54 -7.83 8.92 -6.37
N ASN C 55 -7.64 8.57 -7.64
CA ASN C 55 -8.13 9.37 -8.76
C ASN C 55 -9.21 8.68 -9.56
N ARG C 56 -9.76 7.57 -9.06
CA ARG C 56 -10.76 6.81 -9.78
C ARG C 56 -12.10 7.53 -9.87
N ASN C 57 -12.83 7.25 -10.93
CA ASN C 57 -14.13 7.83 -11.16
C ASN C 57 -15.17 7.17 -10.26
N ILE C 58 -16.08 7.97 -9.72
CA ILE C 58 -17.11 7.50 -8.80
C ILE C 58 -18.45 8.06 -9.25
N LEU C 59 -19.45 7.18 -9.40
CA LEU C 59 -20.78 7.58 -9.82
C LEU C 59 -21.80 6.93 -8.88
N GLY C 60 -22.56 7.78 -8.17
CA GLY C 60 -23.71 7.31 -7.43
C GLY C 60 -24.97 7.46 -8.26
N THR C 61 -25.70 6.38 -8.49
CA THR C 61 -26.86 6.44 -9.38
C THR C 61 -28.01 5.63 -8.83
N ASN C 62 -29.23 6.00 -9.24
CA ASN C 62 -30.41 5.18 -9.02
C ASN C 62 -30.91 4.49 -10.29
N GLN C 63 -30.20 4.62 -11.41
CA GLN C 63 -30.62 4.02 -12.67
C GLN C 63 -29.70 2.89 -13.06
N ILE C 64 -30.27 1.70 -13.15
CA ILE C 64 -29.52 0.48 -13.38
C ILE C 64 -28.87 0.49 -14.75
N GLU C 65 -29.41 1.24 -15.72
CA GLU C 65 -28.76 1.31 -17.02
C GLU C 65 -27.35 1.89 -16.94
N ASP C 66 -26.98 2.49 -15.81
CA ASP C 66 -25.62 2.99 -15.60
C ASP C 66 -24.64 1.89 -15.22
N ILE C 67 -25.07 0.63 -15.23
CA ILE C 67 -24.19 -0.51 -14.95
C ILE C 67 -23.59 -1.07 -16.23
N LYS C 68 -23.77 -0.36 -17.35
CA LYS C 68 -23.40 -0.90 -18.66
C LYS C 68 -21.94 -1.31 -18.69
N ASP C 69 -21.69 -2.45 -19.37
CA ASP C 69 -20.36 -3.00 -19.62
C ASP C 69 -19.48 -3.04 -18.37
N ALA C 70 -20.10 -3.12 -17.19
CA ALA C 70 -19.35 -3.28 -15.96
C ALA C 70 -18.58 -4.59 -16.01
N ASP C 71 -17.31 -4.56 -15.61
CA ASP C 71 -16.51 -5.77 -15.56
C ASP C 71 -16.80 -6.59 -14.30
N ILE C 72 -17.12 -5.92 -13.19
CA ILE C 72 -17.34 -6.56 -11.90
C ILE C 72 -18.72 -6.18 -11.40
N ILE C 73 -19.40 -7.14 -10.76
CA ILE C 73 -20.72 -6.90 -10.16
C ILE C 73 -20.73 -7.47 -8.75
N VAL C 74 -21.13 -6.65 -7.79
CA VAL C 74 -21.23 -7.03 -6.38
C VAL C 74 -22.68 -6.80 -5.94
N ILE C 75 -23.39 -7.88 -5.64
CA ILE C 75 -24.81 -7.82 -5.34
C ILE C 75 -25.00 -7.96 -3.84
N THR C 76 -25.35 -6.85 -3.18
CA THR C 76 -25.78 -6.88 -1.79
C THR C 76 -27.25 -6.48 -1.62
N ALA C 77 -27.97 -6.27 -2.72
CA ALA C 77 -29.35 -5.81 -2.68
C ALA C 77 -30.24 -6.81 -1.95
N GLY C 78 -30.94 -6.33 -0.94
CA GLY C 78 -31.90 -7.17 -0.22
C GLY C 78 -32.24 -6.56 1.13
N VAL C 79 -32.63 -7.43 2.04
CA VAL C 79 -33.20 -7.00 3.33
C VAL C 79 -32.87 -8.04 4.40
N ILE C 91 -35.96 -14.40 2.41
CA ILE C 91 -35.84 -15.72 1.70
C ILE C 91 -36.65 -15.54 0.42
N GLY C 92 -37.91 -15.37 0.67
CA GLY C 92 -38.95 -15.04 -0.28
C GLY C 92 -38.75 -13.70 -1.00
N VAL C 93 -38.53 -12.62 -0.24
CA VAL C 93 -38.50 -11.31 -0.90
C VAL C 93 -37.11 -10.98 -1.46
N ASN C 94 -36.04 -11.50 -0.87
CA ASN C 94 -34.73 -11.28 -1.46
C ASN C 94 -34.57 -12.01 -2.78
N GLY C 95 -35.20 -13.19 -2.91
CA GLY C 95 -35.15 -13.90 -4.18
C GLY C 95 -35.79 -13.13 -5.31
N LYS C 96 -36.91 -12.45 -5.02
CA LYS C 96 -37.52 -11.58 -6.02
C LYS C 96 -36.56 -10.47 -6.44
N ILE C 97 -35.92 -9.82 -5.46
CA ILE C 97 -34.93 -8.79 -5.77
C ILE C 97 -33.80 -9.37 -6.61
N MET C 98 -33.30 -10.55 -6.22
CA MET C 98 -32.18 -11.16 -6.93
C MET C 98 -32.55 -11.54 -8.35
N LYS C 99 -33.80 -11.98 -8.56
CA LYS C 99 -34.25 -12.26 -9.93
C LYS C 99 -34.21 -11.02 -10.80
N SER C 100 -34.66 -9.88 -10.25
CA SER C 100 -34.67 -8.64 -11.03
C SER C 100 -33.25 -8.18 -11.33
N VAL C 101 -32.38 -8.18 -10.32
CA VAL C 101 -30.97 -7.86 -10.54
C VAL C 101 -30.38 -8.75 -11.62
N ALA C 102 -30.69 -10.05 -11.58
CA ALA C 102 -30.20 -10.99 -12.59
C ALA C 102 -30.61 -10.56 -13.98
N GLU C 103 -31.90 -10.29 -14.19
CA GLU C 103 -32.37 -9.84 -15.50
C GLU C 103 -31.67 -8.56 -15.92
N SER C 104 -31.53 -7.60 -15.01
CA SER C 104 -30.86 -6.34 -15.32
C SER C 104 -29.42 -6.57 -15.78
N VAL C 105 -28.70 -7.48 -15.12
CA VAL C 105 -27.31 -7.76 -15.50
C VAL C 105 -27.27 -8.42 -16.88
N LYS C 106 -28.26 -9.22 -17.26
CA LYS C 106 -28.15 -9.79 -18.64
C LYS C 106 -28.41 -8.70 -19.70
N LEU C 107 -29.29 -7.75 -19.43
CA LEU C 107 -29.55 -6.79 -20.50
C LEU C 107 -28.50 -5.67 -20.57
N HIS C 108 -27.80 -5.39 -19.48
CA HIS C 108 -26.88 -4.25 -19.42
C HIS C 108 -25.41 -4.62 -19.42
N CYS C 109 -25.01 -5.68 -18.71
CA CYS C 109 -23.59 -5.99 -18.48
C CYS C 109 -23.37 -7.52 -18.52
N SER C 110 -23.74 -8.12 -19.65
CA SER C 110 -23.86 -9.58 -19.74
C SER C 110 -22.55 -10.34 -19.50
N LYS C 111 -21.39 -9.73 -19.73
CA LYS C 111 -20.12 -10.44 -19.56
C LYS C 111 -19.35 -9.99 -18.33
N ALA C 112 -20.05 -9.52 -17.31
CA ALA C 112 -19.44 -9.17 -16.04
C ALA C 112 -19.26 -10.41 -15.15
N PHE C 113 -18.17 -10.42 -14.39
CA PHE C 113 -18.00 -11.36 -13.30
C PHE C 113 -18.85 -10.92 -12.11
N VAL C 114 -19.61 -11.86 -11.54
CA VAL C 114 -20.70 -11.55 -10.62
C VAL C 114 -20.43 -12.20 -9.26
N ILE C 115 -20.36 -11.39 -8.21
CA ILE C 115 -20.15 -11.84 -6.84
C ILE C 115 -21.42 -11.53 -6.05
N CYS C 116 -22.20 -12.56 -5.76
CA CYS C 116 -23.42 -12.37 -4.97
C CYS C 116 -23.12 -12.47 -3.48
N VAL C 117 -23.80 -11.63 -2.69
CA VAL C 117 -23.55 -11.55 -1.25
C VAL C 117 -24.84 -11.72 -0.46
N SER C 118 -25.96 -11.26 -1.02
CA SER C 118 -27.23 -11.25 -0.30
C SER C 118 -27.57 -12.65 0.21
N ASN C 119 -28.15 -12.69 1.43
CA ASN C 119 -28.47 -13.90 2.17
C ASN C 119 -29.90 -14.35 1.93
N PRO C 120 -30.18 -15.66 2.05
CA PRO C 120 -29.20 -16.73 2.31
C PRO C 120 -28.34 -17.00 1.07
N LEU C 121 -27.03 -17.09 1.27
CA LEU C 121 -26.08 -16.93 0.16
C LEU C 121 -26.24 -18.04 -0.87
N ASP C 122 -26.03 -19.29 -0.47
CA ASP C 122 -25.99 -20.38 -1.44
C ASP C 122 -27.32 -20.51 -2.16
N ILE C 123 -28.40 -20.08 -1.49
CA ILE C 123 -29.71 -20.05 -2.14
C ILE C 123 -29.77 -18.94 -3.18
N MET C 124 -29.24 -17.76 -2.85
CA MET C 124 -29.43 -16.57 -3.68
C MET C 124 -28.55 -16.55 -4.93
N VAL C 125 -27.35 -17.15 -4.89
CA VAL C 125 -26.54 -17.21 -6.11
C VAL C 125 -27.16 -18.20 -7.09
N ASN C 126 -27.80 -19.25 -6.60
CA ASN C 126 -28.51 -20.16 -7.49
C ASN C 126 -29.70 -19.46 -8.15
N VAL C 127 -30.42 -18.65 -7.39
CA VAL C 127 -31.48 -17.83 -7.96
C VAL C 127 -30.93 -16.95 -9.07
N PHE C 128 -29.74 -16.37 -8.85
CA PHE C 128 -29.15 -15.50 -9.88
C PHE C 128 -28.83 -16.28 -11.14
N HIS C 129 -28.34 -17.53 -10.99
CA HIS C 129 -28.01 -18.36 -12.14
C HIS C 129 -29.23 -18.67 -13.00
N LYS C 130 -30.33 -19.07 -12.37
CA LYS C 130 -31.50 -19.50 -13.13
C LYS C 130 -32.05 -18.38 -14.01
N PHE C 131 -31.97 -17.14 -13.54
CA PHE C 131 -32.61 -16.03 -14.21
C PHE C 131 -31.66 -15.09 -14.94
N SER C 132 -30.34 -15.20 -14.73
CA SER C 132 -29.40 -14.29 -15.40
C SER C 132 -29.12 -14.69 -16.84
N ASN C 133 -29.15 -15.98 -17.14
CA ASN C 133 -28.58 -16.57 -18.36
C ASN C 133 -27.08 -16.28 -18.50
N LEU C 134 -26.38 -16.00 -17.41
CA LEU C 134 -24.94 -15.86 -17.44
C LEU C 134 -24.24 -17.22 -17.44
N PRO C 135 -23.01 -17.29 -17.95
CA PRO C 135 -22.22 -18.52 -17.79
C PRO C 135 -21.98 -18.81 -16.32
N HIS C 136 -21.99 -20.10 -15.96
CA HIS C 136 -21.86 -20.46 -14.55
C HIS C 136 -20.46 -20.15 -14.01
N GLU C 137 -19.44 -20.11 -14.87
CA GLU C 137 -18.10 -19.79 -14.39
C GLU C 137 -17.94 -18.31 -14.08
N LYS C 138 -18.84 -17.46 -14.55
CA LYS C 138 -18.79 -16.03 -14.29
C LYS C 138 -19.58 -15.63 -13.06
N ILE C 139 -20.13 -16.60 -12.35
CA ILE C 139 -20.97 -16.33 -11.20
C ILE C 139 -20.38 -17.00 -9.96
N CYS C 140 -20.51 -16.35 -8.81
CA CYS C 140 -20.09 -16.92 -7.54
C CYS C 140 -20.73 -16.13 -6.40
N GLY C 141 -20.74 -16.74 -5.23
CA GLY C 141 -21.07 -16.03 -4.00
C GLY C 141 -19.90 -16.08 -3.03
N MET C 142 -19.82 -15.05 -2.18
CA MET C 142 -18.79 -15.00 -1.15
C MET C 142 -19.34 -15.54 0.16
N ALA C 143 -18.73 -16.61 0.66
CA ALA C 143 -18.98 -17.08 2.02
C ALA C 143 -17.74 -17.69 2.66
N GLY C 144 -17.21 -18.73 2.00
CA GLY C 144 -16.17 -19.55 2.61
C GLY C 144 -15.00 -18.77 3.18
N ILE C 145 -14.62 -17.67 2.52
CA ILE C 145 -13.43 -16.94 2.94
C ILE C 145 -13.64 -16.34 4.32
N LEU C 146 -14.90 -16.02 4.65
CA LEU C 146 -15.22 -15.44 5.95
C LEU C 146 -15.17 -16.49 7.06
N ASP C 147 -15.71 -17.68 6.79
CA ASP C 147 -15.60 -18.78 7.74
C ASP C 147 -14.14 -19.22 7.89
N THR C 148 -13.44 -19.36 6.77
CA THR C 148 -12.03 -19.74 6.81
C THR C 148 -11.20 -18.76 7.63
N SER C 149 -11.41 -17.46 7.43
CA SER C 149 -10.63 -16.45 8.14
C SER C 149 -10.87 -16.52 9.64
N ARG C 150 -12.13 -16.68 10.06
CA ARG C 150 -12.43 -16.76 11.47
C ARG C 150 -11.79 -17.98 12.11
N TYR C 151 -11.85 -19.12 11.41
CA TYR C 151 -11.19 -20.33 11.91
C TYR C 151 -9.67 -20.15 11.95
N CYS C 152 -9.10 -19.59 10.88
CA CYS C 152 -7.64 -19.40 10.84
C CYS C 152 -7.21 -18.37 11.88
N SER C 153 -8.02 -17.34 12.11
CA SER C 153 -7.69 -16.35 13.13
C SER C 153 -7.69 -16.98 14.52
N LEU C 154 -8.71 -17.78 14.84
CA LEU C 154 -8.79 -18.39 16.17
C LEU C 154 -7.68 -19.40 16.40
N ILE C 155 -7.28 -20.12 15.36
CA ILE C 155 -6.17 -21.08 15.49
C ILE C 155 -4.87 -20.33 15.76
N ALA C 156 -4.62 -19.26 15.00
CA ALA C 156 -3.38 -18.51 15.17
C ALA C 156 -3.30 -17.91 16.56
N ASP C 157 -4.43 -17.49 17.12
CA ASP C 157 -4.45 -16.99 18.49
C ASP C 157 -4.03 -18.08 19.48
N LYS C 158 -4.63 -19.26 19.35
CA LYS C 158 -4.31 -20.35 20.26
C LYS C 158 -2.85 -20.75 20.15
N LEU C 159 -2.33 -20.79 18.93
CA LEU C 159 -0.95 -21.16 18.71
C LEU C 159 -0.02 -19.98 18.87
N LYS C 160 -0.53 -18.80 19.22
CA LYS C 160 0.39 -17.72 19.50
C LYS C 160 1.28 -17.45 18.29
N VAL C 161 0.68 -17.50 17.10
CA VAL C 161 1.37 -17.28 15.84
C VAL C 161 0.60 -16.26 15.01
N SER C 162 1.31 -15.65 14.07
CA SER C 162 0.67 -14.85 13.03
C SER C 162 -0.39 -15.65 12.28
N ALA C 163 -1.50 -14.99 11.96
CA ALA C 163 -2.50 -15.58 11.08
C ALA C 163 -2.06 -15.59 9.62
N GLU C 164 -1.03 -14.82 9.26
CA GLU C 164 -0.70 -14.56 7.87
C GLU C 164 -0.51 -15.83 7.05
N ASP C 165 0.02 -16.89 7.65
CA ASP C 165 0.29 -18.13 6.94
C ASP C 165 -0.47 -19.32 7.53
N VAL C 166 -1.60 -19.07 8.19
CA VAL C 166 -2.51 -20.13 8.59
C VAL C 166 -3.56 -20.33 7.49
N ASN C 167 -3.57 -21.52 6.90
CA ASN C 167 -4.42 -21.85 5.77
C ASN C 167 -5.35 -23.01 6.11
N ALA C 168 -6.56 -22.99 5.55
CA ALA C 168 -7.51 -24.07 5.81
C ALA C 168 -8.57 -24.14 4.73
N VAL C 169 -9.03 -25.36 4.45
CA VAL C 169 -10.18 -25.62 3.59
C VAL C 169 -11.40 -25.85 4.46
N ILE C 170 -12.45 -25.06 4.27
CA ILE C 170 -13.76 -25.34 4.86
C ILE C 170 -14.79 -25.38 3.73
N LEU C 171 -15.37 -26.55 3.50
CA LEU C 171 -16.39 -26.76 2.49
C LEU C 171 -17.78 -26.44 3.03
N GLY C 172 -18.69 -26.15 2.11
CA GLY C 172 -20.11 -26.22 2.36
C GLY C 172 -20.76 -24.88 2.63
N GLY C 175 -23.15 -21.63 7.14
CA GLY C 175 -24.08 -21.73 8.25
C GLY C 175 -23.78 -22.87 9.21
N ASP C 176 -24.82 -23.58 9.62
CA ASP C 176 -24.68 -24.69 10.55
C ASP C 176 -24.09 -25.89 9.84
N LEU C 177 -23.92 -25.79 8.54
CA LEU C 177 -23.48 -26.92 7.75
C LEU C 177 -22.16 -26.53 7.10
N MET C 178 -21.17 -26.25 7.95
CA MET C 178 -19.77 -26.11 7.60
C MET C 178 -19.04 -27.45 7.56
N VAL C 179 -17.94 -27.47 6.81
CA VAL C 179 -17.03 -28.61 6.76
C VAL C 179 -15.59 -28.14 7.03
N PRO C 180 -15.17 -27.93 8.28
CA PRO C 180 -13.76 -27.58 8.51
C PRO C 180 -12.87 -28.82 8.51
N LEU C 181 -11.89 -28.83 7.59
CA LEU C 181 -11.00 -29.97 7.39
C LEU C 181 -9.68 -29.72 8.11
N GLN C 182 -9.52 -30.32 9.29
CA GLN C 182 -8.25 -30.23 10.02
C GLN C 182 -7.10 -30.80 9.21
N ARG C 183 -7.35 -31.88 8.48
CA ARG C 183 -6.35 -32.44 7.58
C ARG C 183 -5.81 -31.39 6.63
N TYR C 184 -6.69 -30.54 6.11
CA TYR C 184 -6.32 -29.46 5.20
C TYR C 184 -6.13 -28.14 5.95
N THR C 185 -5.57 -28.19 7.14
CA THR C 185 -5.14 -27.02 7.89
C THR C 185 -3.63 -27.08 8.07
N SER C 186 -2.96 -25.96 7.83
CA SER C 186 -1.51 -25.91 7.93
C SER C 186 -1.08 -24.52 8.40
N VAL C 187 0.07 -24.47 9.08
CA VAL C 187 0.64 -23.22 9.58
C VAL C 187 2.00 -23.06 8.89
N ASN C 188 2.05 -22.17 7.91
CA ASN C 188 3.21 -22.01 7.02
C ASN C 188 3.70 -23.38 6.53
N GLY C 189 2.76 -24.21 6.11
CA GLY C 189 3.06 -25.50 5.53
C GLY C 189 3.14 -26.63 6.53
N VAL C 190 3.13 -26.35 7.83
CA VAL C 190 3.21 -27.37 8.85
C VAL C 190 1.79 -27.76 9.23
N PRO C 191 1.38 -29.01 9.03
CA PRO C 191 -0.02 -29.36 9.29
C PRO C 191 -0.38 -29.13 10.75
N LEU C 192 -1.66 -28.84 10.98
CA LEU C 192 -2.18 -28.70 12.33
C LEU C 192 -1.82 -29.93 13.14
N SER C 193 -1.79 -31.08 12.49
CA SER C 193 -1.33 -32.34 13.07
C SER C 193 -0.11 -32.18 13.96
N GLU C 194 0.92 -31.49 13.46
CA GLU C 194 2.18 -31.35 14.20
C GLU C 194 2.00 -30.57 15.50
N PHE C 195 1.00 -29.71 15.60
CA PHE C 195 0.85 -28.87 16.79
C PHE C 195 0.16 -29.57 17.94
N VAL C 196 -0.80 -30.46 17.67
CA VAL C 196 -1.35 -31.28 18.74
C VAL C 196 -0.35 -32.33 19.17
N LYS C 197 0.45 -32.83 18.22
CA LYS C 197 1.55 -33.74 18.55
C LYS C 197 2.39 -33.20 19.70
N LYS C 198 2.86 -31.97 19.55
CA LYS C 198 3.75 -31.31 20.51
C LYS C 198 3.00 -30.65 21.66
N ASN C 199 1.70 -30.93 21.83
CA ASN C 199 0.91 -30.45 22.96
C ASN C 199 0.72 -28.94 22.95
N MET C 200 0.75 -28.33 21.78
CA MET C 200 0.50 -26.90 21.68
C MET C 200 -0.97 -26.54 21.50
N ILE C 201 -1.80 -27.51 21.09
CA ILE C 201 -3.25 -27.33 21.02
C ILE C 201 -3.90 -28.70 21.14
N SER C 202 -5.16 -28.73 21.55
CA SER C 202 -5.91 -29.94 21.80
C SER C 202 -6.98 -30.14 20.74
N GLN C 203 -7.46 -31.39 20.63
CA GLN C 203 -8.58 -31.66 19.74
C GLN C 203 -9.85 -31.02 20.27
N ASN C 204 -10.02 -30.97 21.60
CA ASN C 204 -11.15 -30.27 22.19
C ASN C 204 -11.07 -28.78 21.93
N GLU C 205 -9.86 -28.20 22.06
CA GLU C 205 -9.67 -26.80 21.71
C GLU C 205 -10.05 -26.52 20.26
N ILE C 206 -9.68 -27.43 19.35
CA ILE C 206 -9.99 -27.22 17.94
C ILE C 206 -11.49 -27.33 17.68
N GLN C 207 -12.19 -28.21 18.39
CA GLN C 207 -13.63 -28.34 18.20
C GLN C 207 -14.38 -27.16 18.79
N GLU C 208 -13.90 -26.60 19.90
CA GLU C 208 -14.43 -25.33 20.39
C GLU C 208 -14.27 -24.24 19.34
N ILE C 209 -13.07 -24.13 18.78
CA ILE C 209 -12.80 -23.13 17.73
C ILE C 209 -13.74 -23.32 16.55
N ILE C 210 -14.03 -24.58 16.20
CA ILE C 210 -14.93 -24.85 15.07
C ILE C 210 -16.31 -24.30 15.36
N GLN C 211 -16.80 -24.50 16.58
CA GLN C 211 -18.14 -24.03 16.91
C GLN C 211 -18.19 -22.52 17.04
N LYS C 212 -17.11 -21.90 17.51
CA LYS C 212 -17.03 -20.45 17.47
C LYS C 212 -17.13 -19.95 16.04
N THR C 213 -16.40 -20.60 15.12
CA THR C 213 -16.48 -20.27 13.71
C THR C 213 -17.91 -20.41 13.20
N ARG C 214 -18.61 -21.46 13.64
CA ARG C 214 -19.99 -21.69 13.19
C ARG C 214 -20.94 -20.62 13.72
N ASN C 215 -20.68 -20.09 14.91
CA ASN C 215 -21.58 -19.15 15.57
C ASN C 215 -21.15 -17.70 15.41
N MET C 216 -20.10 -17.42 14.65
CA MET C 216 -19.52 -16.08 14.64
C MET C 216 -20.48 -15.05 14.04
N GLY C 217 -21.12 -15.39 12.92
CA GLY C 217 -22.10 -14.48 12.32
C GLY C 217 -23.17 -14.07 13.31
N ALA C 218 -23.73 -15.03 14.02
CA ALA C 218 -24.79 -14.72 14.96
C ALA C 218 -24.28 -13.92 16.15
N GLU C 219 -23.07 -14.17 16.63
CA GLU C 219 -22.74 -13.42 17.85
C GLU C 219 -22.31 -12.00 17.53
N ILE C 220 -21.68 -11.80 16.37
CA ILE C 220 -21.46 -10.42 15.92
C ILE C 220 -22.79 -9.67 15.89
N ILE C 221 -23.80 -10.31 15.32
CA ILE C 221 -25.15 -9.74 15.29
C ILE C 221 -25.63 -9.47 16.71
N LYS C 222 -25.49 -10.47 17.59
CA LYS C 222 -26.01 -10.32 18.94
C LYS C 222 -25.28 -9.24 19.72
N LEU C 223 -23.98 -9.02 19.44
CA LEU C 223 -23.22 -7.99 20.12
C LEU C 223 -23.36 -6.62 19.45
N ALA C 224 -23.08 -6.54 18.15
CA ALA C 224 -23.09 -5.27 17.45
C ALA C 224 -24.47 -4.86 16.99
N LYS C 225 -25.47 -5.74 17.13
CA LYS C 225 -26.83 -5.49 16.66
C LYS C 225 -26.85 -5.16 15.17
N ALA C 226 -25.92 -5.74 14.43
CA ALA C 226 -25.81 -5.59 12.98
C ALA C 226 -24.87 -6.66 12.47
N SER C 227 -25.13 -7.14 11.25
CA SER C 227 -24.27 -8.15 10.65
C SER C 227 -22.93 -7.55 10.26
N ALA C 228 -21.89 -8.37 10.34
CA ALA C 228 -20.54 -8.01 9.91
C ALA C 228 -20.51 -7.32 8.56
N ALA C 229 -19.57 -6.40 8.37
CA ALA C 229 -19.50 -5.62 7.14
C ALA C 229 -18.07 -5.51 6.64
N PHE C 230 -17.14 -5.18 7.55
CA PHE C 230 -15.75 -4.97 7.14
C PHE C 230 -15.13 -6.24 6.58
N ALA C 231 -15.14 -7.32 7.36
CA ALA C 231 -14.57 -8.58 6.88
C ALA C 231 -15.25 -9.09 5.61
N PRO C 232 -16.59 -9.15 5.51
CA PRO C 232 -17.20 -9.51 4.21
C PRO C 232 -16.70 -8.67 3.05
N ALA C 233 -16.68 -7.34 3.21
CA ALA C 233 -16.17 -6.46 2.17
C ALA C 233 -14.75 -6.83 1.77
N ALA C 234 -13.91 -7.18 2.76
CA ALA C 234 -12.53 -7.55 2.45
C ALA C 234 -12.48 -8.87 1.69
N ALA C 235 -13.33 -9.83 2.06
CA ALA C 235 -13.41 -11.08 1.32
C ALA C 235 -13.80 -10.83 -0.14
N ILE C 236 -14.82 -9.99 -0.36
CA ILE C 236 -15.27 -9.69 -1.72
C ILE C 236 -14.16 -9.04 -2.52
N THR C 237 -13.52 -8.02 -1.94
CA THR C 237 -12.45 -7.31 -2.63
C THR C 237 -11.35 -8.26 -3.09
N LYS C 238 -11.04 -9.28 -2.28
CA LYS C 238 -9.98 -10.20 -2.65
C LYS C 238 -10.41 -11.12 -3.79
N MET C 239 -11.70 -11.44 -3.89
CA MET C 239 -12.18 -12.17 -5.06
C MET C 239 -12.20 -11.27 -6.30
N ILE C 240 -12.59 -9.99 -6.12
CA ILE C 240 -12.46 -9.02 -7.20
C ILE C 240 -11.03 -8.96 -7.70
N LYS C 241 -10.09 -8.82 -6.77
CA LYS C 241 -8.66 -8.76 -7.08
C LYS C 241 -8.22 -9.95 -7.92
N SER C 242 -8.48 -11.17 -7.43
CA SER C 242 -8.08 -12.39 -8.13
C SER C 242 -8.60 -12.42 -9.56
N TYR C 243 -9.83 -11.95 -9.78
CA TYR C 243 -10.39 -12.00 -11.12
C TYR C 243 -9.72 -11.00 -12.05
N LEU C 244 -9.61 -9.75 -11.61
CA LEU C 244 -9.09 -8.70 -12.47
C LEU C 244 -7.62 -8.92 -12.81
N TYR C 245 -6.83 -9.39 -11.84
CA TYR C 245 -5.40 -9.54 -12.02
C TYR C 245 -5.00 -10.96 -12.41
N ASN C 246 -5.97 -11.79 -12.83
CA ASN C 246 -5.72 -13.15 -13.29
C ASN C 246 -4.79 -13.89 -12.33
N GLU C 247 -5.20 -13.92 -11.05
CA GLU C 247 -4.31 -14.31 -9.97
C GLU C 247 -4.31 -15.81 -9.70
N ASN C 248 -5.44 -16.49 -9.94
CA ASN C 248 -5.57 -17.93 -9.71
C ASN C 248 -5.48 -18.27 -8.23
N ASN C 249 -5.90 -17.37 -7.36
CA ASN C 249 -5.88 -17.63 -5.93
C ASN C 249 -6.95 -18.64 -5.56
N LEU C 250 -6.68 -19.41 -4.50
CA LEU C 250 -7.51 -20.54 -4.08
C LEU C 250 -8.37 -20.12 -2.89
N PHE C 251 -9.68 -20.04 -3.10
CA PHE C 251 -10.64 -19.69 -2.05
C PHE C 251 -11.68 -20.79 -1.91
N THR C 252 -12.43 -20.72 -0.81
CA THR C 252 -13.73 -21.38 -0.72
C THR C 252 -14.82 -20.33 -0.89
N CYS C 253 -15.69 -20.55 -1.87
CA CYS C 253 -16.78 -19.65 -2.21
C CYS C 253 -17.92 -20.49 -2.76
N ALA C 254 -19.09 -19.90 -2.89
CA ALA C 254 -20.15 -20.55 -3.65
C ALA C 254 -19.75 -20.61 -5.12
N VAL C 255 -19.77 -21.83 -5.69
CA VAL C 255 -19.24 -22.07 -7.02
C VAL C 255 -20.03 -23.20 -7.66
N TYR C 256 -20.06 -23.20 -8.99
CA TYR C 256 -20.83 -24.18 -9.75
C TYR C 256 -20.08 -25.52 -9.77
N LEU C 257 -20.65 -26.52 -9.10
CA LEU C 257 -20.12 -27.87 -9.19
C LEU C 257 -20.68 -28.56 -10.42
N ASN C 258 -19.87 -29.42 -11.03
CA ASN C 258 -20.23 -30.08 -12.29
C ASN C 258 -19.66 -31.50 -12.27
N GLY C 259 -20.12 -32.29 -11.31
CA GLY C 259 -19.61 -33.62 -11.06
C GLY C 259 -18.68 -33.67 -9.87
N HIS C 260 -18.01 -32.56 -9.56
CA HIS C 260 -17.13 -32.47 -8.41
C HIS C 260 -17.89 -32.76 -7.13
N TYR C 261 -17.24 -33.49 -6.22
CA TYR C 261 -17.82 -33.86 -4.93
C TYR C 261 -19.21 -34.49 -5.09
N ASN C 262 -19.37 -35.30 -6.14
CA ASN C 262 -20.56 -36.08 -6.42
C ASN C 262 -21.79 -35.23 -6.68
N CYS C 263 -21.61 -33.94 -6.99
CA CYS C 263 -22.72 -33.02 -7.21
C CYS C 263 -22.54 -32.30 -8.54
N SER C 264 -23.66 -32.10 -9.25
CA SER C 264 -23.64 -31.32 -10.49
C SER C 264 -24.89 -30.47 -10.56
N ASN C 265 -24.74 -29.29 -11.19
CA ASN C 265 -25.85 -28.39 -11.52
C ASN C 265 -26.37 -27.69 -10.27
N LEU C 266 -25.46 -27.15 -9.48
CA LEU C 266 -25.83 -26.43 -8.26
C LEU C 266 -24.63 -25.63 -7.77
N PHE C 267 -24.88 -24.38 -7.39
CA PHE C 267 -23.87 -23.58 -6.69
C PHE C 267 -23.88 -23.95 -5.21
N VAL C 268 -22.70 -24.29 -4.69
CA VAL C 268 -22.53 -24.68 -3.28
C VAL C 268 -21.16 -24.15 -2.83
N GLY C 269 -21.03 -23.93 -1.53
CA GLY C 269 -19.74 -23.59 -0.97
C GLY C 269 -18.69 -24.66 -1.17
N SER C 270 -17.66 -24.37 -1.95
CA SER C 270 -16.61 -25.34 -2.24
C SER C 270 -15.30 -24.61 -2.52
N THR C 271 -14.25 -25.39 -2.71
CA THR C 271 -12.95 -24.86 -3.09
C THR C 271 -12.94 -24.48 -4.57
N ALA C 272 -12.33 -23.32 -4.87
CA ALA C 272 -12.29 -22.82 -6.24
C ALA C 272 -11.11 -21.87 -6.43
N LYS C 273 -10.59 -21.85 -7.67
CA LYS C 273 -9.68 -20.79 -8.11
C LYS C 273 -10.46 -19.75 -8.90
N ILE C 274 -10.12 -18.49 -8.68
CA ILE C 274 -10.67 -17.37 -9.43
C ILE C 274 -9.58 -16.80 -10.34
N ASN C 275 -9.94 -16.49 -11.57
CA ASN C 275 -9.01 -15.91 -12.53
C ASN C 275 -9.81 -15.19 -13.61
N ASN C 276 -9.09 -14.62 -14.59
CA ASN C 276 -9.61 -14.01 -15.81
C ASN C 276 -10.96 -14.56 -16.28
N LYS C 277 -11.02 -15.88 -16.28
CA LYS C 277 -11.99 -16.76 -16.89
C LYS C 277 -13.09 -17.18 -15.90
N GLY C 278 -13.00 -16.74 -14.64
CA GLY C 278 -14.11 -16.78 -13.68
C GLY C 278 -13.76 -17.51 -12.41
N ALA C 279 -14.72 -18.27 -11.89
CA ALA C 279 -14.57 -19.05 -10.68
C ALA C 279 -14.72 -20.52 -11.03
N HIS C 280 -13.71 -21.33 -10.71
CA HIS C 280 -13.62 -22.70 -11.19
C HIS C 280 -13.45 -23.66 -10.01
N PRO C 281 -14.32 -24.64 -9.84
CA PRO C 281 -14.20 -25.56 -8.71
C PRO C 281 -12.91 -26.37 -8.77
N VAL C 282 -12.45 -26.78 -7.58
CA VAL C 282 -11.35 -27.73 -7.43
C VAL C 282 -11.82 -28.85 -6.51
N GLU C 283 -11.60 -30.09 -6.93
CA GLU C 283 -11.99 -31.27 -6.16
C GLU C 283 -10.77 -31.84 -5.44
N PHE C 284 -10.78 -31.80 -4.10
CA PHE C 284 -9.76 -32.43 -3.29
C PHE C 284 -10.21 -33.81 -2.83
N PRO C 285 -9.27 -34.73 -2.56
CA PRO C 285 -9.66 -36.09 -2.13
C PRO C 285 -10.16 -36.13 -0.70
N LEU C 286 -11.44 -36.41 -0.52
CA LEU C 286 -12.05 -36.52 0.80
C LEU C 286 -12.13 -37.98 1.22
N THR C 287 -12.13 -38.20 2.53
CA THR C 287 -12.52 -39.49 3.07
C THR C 287 -14.01 -39.72 2.80
N LYS C 288 -14.56 -40.82 3.32
CA LYS C 288 -15.99 -40.96 3.09
C LYS C 288 -16.89 -40.25 4.10
N GLU C 289 -16.61 -40.14 5.41
CA GLU C 289 -17.52 -39.16 6.04
C GLU C 289 -17.09 -37.71 5.85
N GLU C 290 -15.92 -37.44 5.32
CA GLU C 290 -15.72 -36.07 4.85
C GLU C 290 -16.69 -35.78 3.71
N GLN C 291 -16.80 -36.73 2.76
CA GLN C 291 -17.73 -36.56 1.64
C GLN C 291 -19.18 -36.78 2.06
N ASP C 292 -19.41 -37.59 3.10
CA ASP C 292 -20.78 -37.83 3.56
C ASP C 292 -21.37 -36.57 4.17
N LEU C 293 -20.66 -35.95 5.11
CA LEU C 293 -21.13 -34.70 5.71
C LEU C 293 -21.37 -33.63 4.66
N TYR C 294 -20.51 -33.59 3.64
CA TYR C 294 -20.64 -32.59 2.60
C TYR C 294 -21.88 -32.85 1.75
N THR C 295 -22.17 -34.12 1.45
CA THR C 295 -23.34 -34.46 0.67
C THR C 295 -24.64 -34.10 1.39
N GLU C 296 -24.67 -34.19 2.72
CA GLU C 296 -25.85 -33.69 3.45
C GLU C 296 -25.97 -32.19 3.31
N SER C 297 -24.85 -31.50 3.46
CA SER C 297 -24.81 -30.05 3.23
C SER C 297 -25.30 -29.69 1.84
N ILE C 298 -24.77 -30.38 0.82
CA ILE C 298 -25.18 -30.13 -0.55
C ILE C 298 -26.66 -30.45 -0.72
N ALA C 299 -27.18 -31.44 0.03
CA ALA C 299 -28.60 -31.76 -0.04
C ALA C 299 -29.45 -30.64 0.55
N SER C 300 -28.98 -30.01 1.64
CA SER C 300 -29.73 -28.92 2.26
C SER C 300 -29.89 -27.76 1.29
N VAL C 301 -28.78 -27.35 0.67
CA VAL C 301 -28.82 -26.27 -0.32
C VAL C 301 -29.77 -26.59 -1.47
N GLN C 302 -29.79 -27.87 -1.90
CA GLN C 302 -30.64 -28.23 -3.03
C GLN C 302 -32.12 -28.14 -2.68
N SER C 303 -32.51 -28.55 -1.48
CA SER C 303 -33.93 -28.51 -1.13
C SER C 303 -34.40 -27.08 -0.88
N ASN C 304 -33.58 -26.28 -0.20
CA ASN C 304 -33.97 -24.90 0.07
C ASN C 304 -33.90 -24.03 -1.17
N THR C 305 -33.09 -24.42 -2.16
CA THR C 305 -33.06 -23.69 -3.43
C THR C 305 -34.33 -23.94 -4.24
N GLN C 306 -34.83 -25.18 -4.25
CA GLN C 306 -36.07 -25.45 -4.95
C GLN C 306 -37.26 -24.94 -4.15
N LYS C 307 -37.20 -25.02 -2.82
CA LYS C 307 -38.14 -24.24 -2.04
C LYS C 307 -38.11 -22.76 -2.44
N ALA C 308 -36.91 -22.20 -2.65
CA ALA C 308 -36.79 -20.79 -3.02
C ALA C 308 -37.54 -20.50 -4.31
N PHE C 309 -37.23 -21.26 -5.38
CA PHE C 309 -37.83 -20.99 -6.69
C PHE C 309 -39.35 -21.09 -6.64
N ASP C 310 -39.88 -21.95 -5.76
CA ASP C 310 -41.33 -22.09 -5.66
C ASP C 310 -41.95 -20.87 -5.00
N LEU C 311 -41.33 -20.36 -3.92
CA LEU C 311 -41.86 -19.19 -3.23
C LEU C 311 -41.79 -17.94 -4.09
N ILE C 312 -40.93 -17.92 -5.12
CA ILE C 312 -40.79 -16.74 -5.96
C ILE C 312 -41.92 -16.60 -6.98
N LYS C 313 -42.82 -17.57 -7.04
CA LYS C 313 -44.06 -17.38 -7.80
C LYS C 313 -45.28 -17.59 -6.91
N THR D 2 2.37 1.07 20.12
CA THR D 2 1.52 2.24 19.90
C THR D 2 0.06 1.83 20.03
N LYS D 3 -0.65 2.44 20.99
CA LYS D 3 -2.06 2.14 21.17
C LYS D 3 -2.90 3.33 20.73
N ILE D 4 -3.82 3.09 19.80
CA ILE D 4 -4.72 4.10 19.25
C ILE D 4 -6.10 3.83 19.80
N ALA D 5 -6.57 4.73 20.64
CA ALA D 5 -7.82 4.56 21.35
C ALA D 5 -8.95 5.36 20.70
N LEU D 6 -10.00 4.66 20.28
CA LEU D 6 -11.17 5.27 19.65
C LEU D 6 -12.27 5.43 20.70
N ILE D 7 -12.48 6.66 21.15
CA ILE D 7 -13.49 6.95 22.19
C ILE D 7 -14.79 7.26 21.44
N GLY D 8 -15.60 6.22 21.25
CA GLY D 8 -16.70 6.26 20.30
C GLY D 8 -16.46 5.25 19.20
N SER D 9 -17.31 4.23 19.13
CA SER D 9 -17.17 3.16 18.15
C SER D 9 -18.36 3.12 17.22
N GLY D 10 -18.81 4.29 16.79
CA GLY D 10 -19.81 4.42 15.76
C GLY D 10 -19.24 4.36 14.36
N GLN D 11 -19.93 5.04 13.45
CA GLN D 11 -19.64 4.91 12.03
C GLN D 11 -18.27 5.48 11.69
N ILE D 12 -17.91 6.63 12.27
CA ILE D 12 -16.61 7.24 12.00
C ILE D 12 -15.51 6.52 12.76
N GLY D 13 -15.74 6.24 14.06
CA GLY D 13 -14.71 5.58 14.85
C GLY D 13 -14.32 4.21 14.32
N ALA D 14 -15.30 3.47 13.80
CA ALA D 14 -15.03 2.15 13.25
C ALA D 14 -14.17 2.24 11.98
N ILE D 15 -14.44 3.23 11.13
CA ILE D 15 -13.66 3.36 9.92
C ILE D 15 -12.27 3.93 10.21
N VAL D 16 -12.12 4.67 11.30
CA VAL D 16 -10.78 5.11 11.70
C VAL D 16 -9.94 3.91 12.10
N GLY D 17 -10.50 3.03 12.94
CA GLY D 17 -9.84 1.77 13.23
C GLY D 17 -9.48 1.00 11.98
N GLU D 18 -10.45 0.80 11.08
CA GLU D 18 -10.20 0.08 9.84
C GLU D 18 -9.03 0.66 9.06
N LEU D 19 -8.95 1.99 8.99
CA LEU D 19 -7.91 2.63 8.21
C LEU D 19 -6.56 2.63 8.93
N CYS D 20 -6.57 2.69 10.26
CA CYS D 20 -5.31 2.59 10.99
C CYS D 20 -4.78 1.17 10.98
N LEU D 21 -5.64 0.18 10.71
CA LEU D 21 -5.19 -1.18 10.52
C LEU D 21 -4.59 -1.38 9.13
N LEU D 22 -5.29 -0.89 8.11
CA LEU D 22 -4.80 -0.98 6.74
C LEU D 22 -3.40 -0.40 6.60
N GLU D 23 -3.07 0.61 7.41
CA GLU D 23 -1.77 1.28 7.34
C GLU D 23 -0.85 0.92 8.49
N ASN D 24 -1.25 0.00 9.38
CA ASN D 24 -0.39 -0.53 10.44
C ASN D 24 0.04 0.57 11.41
N LEU D 25 -0.89 1.45 11.77
CA LEU D 25 -0.54 2.58 12.61
C LEU D 25 -0.37 2.17 14.07
N GLY D 26 -1.17 1.24 14.57
CA GLY D 26 -1.01 0.78 15.94
C GLY D 26 -2.10 -0.19 16.33
N ASP D 27 -2.02 -0.64 17.59
CA ASP D 27 -3.09 -1.41 18.19
C ASP D 27 -4.30 -0.51 18.47
N LEU D 28 -5.48 -1.12 18.47
CA LEU D 28 -6.73 -0.38 18.64
C LEU D 28 -7.40 -0.76 19.95
N ILE D 29 -7.91 0.26 20.66
CA ILE D 29 -8.89 0.09 21.71
C ILE D 29 -10.16 0.79 21.24
N LEU D 30 -11.22 0.03 20.99
CA LEU D 30 -12.51 0.56 20.61
C LEU D 30 -13.39 0.66 21.84
N TYR D 31 -13.62 1.88 22.31
CA TYR D 31 -14.46 2.12 23.48
C TYR D 31 -15.79 2.74 23.07
N ASP D 32 -16.85 2.31 23.76
CA ASP D 32 -18.17 2.91 23.59
C ASP D 32 -18.95 2.73 24.88
N VAL D 33 -20.02 3.50 25.02
CA VAL D 33 -20.86 3.39 26.22
C VAL D 33 -21.88 2.28 26.10
N VAL D 34 -22.26 1.91 24.88
CA VAL D 34 -23.32 0.94 24.65
C VAL D 34 -22.73 -0.47 24.73
N PRO D 35 -23.20 -1.31 25.64
CA PRO D 35 -22.63 -2.66 25.77
C PRO D 35 -22.74 -3.46 24.47
N GLY D 36 -21.66 -4.16 24.13
CA GLY D 36 -21.66 -5.08 23.02
C GLY D 36 -21.20 -4.50 21.70
N ILE D 37 -21.51 -3.23 21.45
CA ILE D 37 -21.19 -2.63 20.15
C ILE D 37 -19.70 -2.67 19.85
N PRO D 38 -18.81 -2.21 20.72
CA PRO D 38 -17.38 -2.29 20.37
C PRO D 38 -16.85 -3.70 20.31
N GLN D 39 -17.37 -4.62 21.13
CA GLN D 39 -16.96 -6.02 21.05
C GLN D 39 -17.33 -6.63 19.72
N GLY D 40 -18.54 -6.36 19.23
CA GLY D 40 -18.96 -6.89 17.94
C GLY D 40 -18.13 -6.33 16.80
N LYS D 41 -17.95 -5.00 16.78
CA LYS D 41 -17.18 -4.38 15.72
C LYS D 41 -15.71 -4.77 15.79
N ALA D 42 -15.17 -4.95 17.00
CA ALA D 42 -13.79 -5.40 17.14
C ALA D 42 -13.58 -6.76 16.49
N LEU D 43 -14.51 -7.69 16.73
CA LEU D 43 -14.40 -9.01 16.11
C LEU D 43 -14.39 -8.89 14.58
N ASP D 44 -15.27 -8.05 14.03
CA ASP D 44 -15.32 -7.86 12.59
C ASP D 44 -14.00 -7.32 12.05
N LEU D 45 -13.47 -6.28 12.69
CA LEU D 45 -12.19 -5.72 12.25
C LEU D 45 -11.06 -6.75 12.34
N LYS D 46 -11.14 -7.65 13.32
CA LYS D 46 -10.14 -8.70 13.47
C LYS D 46 -10.16 -9.67 12.29
N HIS D 47 -11.37 -10.09 11.86
CA HIS D 47 -11.47 -10.99 10.72
C HIS D 47 -11.10 -10.24 9.44
N PHE D 48 -11.51 -8.98 9.33
CA PHE D 48 -11.02 -8.08 8.31
C PHE D 48 -9.49 -8.05 8.28
N SER D 49 -8.88 -7.89 9.46
CA SER D 49 -7.42 -7.86 9.54
C SER D 49 -6.80 -9.15 9.03
N THR D 50 -7.33 -10.29 9.45
CA THR D 50 -6.80 -11.58 9.01
C THR D 50 -6.87 -11.72 7.50
N ILE D 51 -8.00 -11.32 6.89
CA ILE D 51 -8.19 -11.47 5.45
C ILE D 51 -7.12 -10.71 4.68
N LEU D 52 -6.73 -9.53 5.16
CA LEU D 52 -5.81 -8.67 4.43
C LEU D 52 -4.40 -8.69 5.00
N GLY D 53 -4.12 -9.53 5.99
CA GLY D 53 -2.77 -9.70 6.48
C GLY D 53 -2.28 -8.64 7.44
N VAL D 54 -3.14 -8.19 8.35
CA VAL D 54 -2.77 -7.24 9.40
C VAL D 54 -2.80 -7.97 10.75
N ASN D 55 -1.78 -7.72 11.58
CA ASN D 55 -1.58 -8.46 12.81
C ASN D 55 -1.77 -7.61 14.06
N ARG D 56 -2.28 -6.38 13.92
CA ARG D 56 -2.42 -5.51 15.08
C ARG D 56 -3.53 -6.01 16.01
N ASN D 57 -3.34 -5.79 17.30
CA ASN D 57 -4.31 -6.23 18.30
C ASN D 57 -5.48 -5.27 18.35
N ILE D 58 -6.68 -5.84 18.54
CA ILE D 58 -7.91 -5.07 18.57
C ILE D 58 -8.69 -5.48 19.80
N LEU D 59 -9.11 -4.51 20.60
CA LEU D 59 -9.89 -4.76 21.80
C LEU D 59 -11.10 -3.85 21.83
N GLY D 60 -12.29 -4.43 21.81
CA GLY D 60 -13.53 -3.71 22.03
C GLY D 60 -13.97 -3.79 23.48
N THR D 61 -14.14 -2.64 24.13
CA THR D 61 -14.45 -2.62 25.56
C THR D 61 -15.50 -1.55 25.86
N ASN D 62 -16.21 -1.76 26.96
CA ASN D 62 -17.06 -0.75 27.57
C ASN D 62 -16.43 -0.16 28.83
N GLN D 63 -15.17 -0.47 29.10
CA GLN D 63 -14.48 -0.04 30.31
C GLN D 63 -13.47 1.04 29.93
N ILE D 64 -13.73 2.26 30.39
CA ILE D 64 -12.90 3.39 29.96
C ILE D 64 -11.48 3.25 30.48
N GLU D 65 -11.28 2.58 31.62
CA GLU D 65 -9.92 2.38 32.12
C GLU D 65 -9.02 1.61 31.15
N ASP D 66 -9.58 1.00 30.12
CA ASP D 66 -8.78 0.36 29.08
C ASP D 66 -8.17 1.38 28.13
N ILE D 67 -8.31 2.68 28.47
CA ILE D 67 -7.72 3.78 27.72
C ILE D 67 -6.31 4.12 28.16
N LYS D 68 -5.80 3.44 29.18
CA LYS D 68 -4.56 3.84 29.82
C LYS D 68 -3.37 3.77 28.86
N ASP D 69 -2.43 4.70 29.07
CA ASP D 69 -1.20 4.82 28.28
C ASP D 69 -1.47 4.94 26.79
N ALA D 70 -2.68 5.35 26.41
CA ALA D 70 -2.97 5.57 24.99
C ALA D 70 -2.09 6.68 24.44
N ASP D 71 -1.47 6.44 23.28
CA ASP D 71 -0.72 7.47 22.61
C ASP D 71 -1.62 8.39 21.78
N ILE D 72 -2.69 7.84 21.23
CA ILE D 72 -3.59 8.57 20.34
C ILE D 72 -5.01 8.46 20.90
N ILE D 73 -5.77 9.55 20.81
CA ILE D 73 -7.16 9.59 21.25
C ILE D 73 -8.01 10.20 20.15
N VAL D 74 -9.07 9.49 19.75
CA VAL D 74 -10.00 9.94 18.71
C VAL D 74 -11.39 9.93 19.33
N ILE D 75 -11.96 11.12 19.53
CA ILE D 75 -13.23 11.30 20.24
C ILE D 75 -14.33 11.56 19.21
N THR D 76 -15.20 10.58 19.02
CA THR D 76 -16.43 10.75 18.25
C THR D 76 -17.66 10.63 19.13
N ALA D 77 -17.48 10.49 20.44
CA ALA D 77 -18.57 10.26 21.39
C ALA D 77 -19.57 11.41 21.38
N GLY D 78 -20.84 11.08 21.17
CA GLY D 78 -21.91 12.06 21.29
C GLY D 78 -23.17 11.54 20.62
N VAL D 79 -24.00 12.48 20.18
CA VAL D 79 -25.09 12.18 19.26
C VAL D 79 -24.93 13.05 18.02
N ILE D 91 -25.34 21.26 21.16
CA ILE D 91 -24.36 21.76 22.11
C ILE D 91 -24.52 21.30 23.56
N GLY D 92 -25.76 21.07 24.00
CA GLY D 92 -26.00 20.76 25.40
C GLY D 92 -25.58 19.36 25.82
N VAL D 93 -26.03 18.35 25.07
CA VAL D 93 -25.82 16.98 25.51
C VAL D 93 -24.46 16.43 25.11
N ASN D 94 -23.89 16.89 23.98
CA ASN D 94 -22.56 16.43 23.60
C ASN D 94 -21.48 17.09 24.45
N GLY D 95 -21.65 18.36 24.79
CA GLY D 95 -20.67 19.03 25.63
C GLY D 95 -20.54 18.40 26.99
N LYS D 96 -21.67 18.01 27.59
CA LYS D 96 -21.56 17.26 28.83
C LYS D 96 -20.95 15.87 28.63
N ILE D 97 -21.20 15.18 27.51
CA ILE D 97 -20.45 13.94 27.21
C ILE D 97 -18.95 14.21 27.08
N MET D 98 -18.59 15.27 26.35
CA MET D 98 -17.18 15.58 26.09
C MET D 98 -16.44 15.92 27.39
N LYS D 99 -17.12 16.55 28.34
CA LYS D 99 -16.53 16.79 29.65
C LYS D 99 -16.17 15.48 30.33
N SER D 100 -17.05 14.47 30.23
CA SER D 100 -16.78 13.18 30.86
C SER D 100 -15.57 12.51 30.23
N VAL D 101 -15.53 12.44 28.90
CA VAL D 101 -14.36 11.91 28.19
C VAL D 101 -13.10 12.67 28.60
N ALA D 102 -13.20 14.00 28.68
CA ALA D 102 -12.05 14.81 29.09
C ALA D 102 -11.53 14.38 30.45
N GLU D 103 -12.42 14.27 31.44
CA GLU D 103 -12.00 13.81 32.76
C GLU D 103 -11.36 12.44 32.69
N SER D 104 -11.96 11.51 31.94
CA SER D 104 -11.41 10.16 31.81
C SER D 104 -10.00 10.20 31.24
N VAL D 105 -9.77 11.03 30.22
CA VAL D 105 -8.45 11.12 29.60
C VAL D 105 -7.45 11.72 30.58
N LYS D 106 -7.91 12.58 31.47
CA LYS D 106 -7.04 13.23 32.44
C LYS D 106 -6.34 12.23 33.35
N LEU D 107 -7.13 11.34 33.98
CA LEU D 107 -6.57 10.44 34.99
C LEU D 107 -5.97 9.18 34.41
N HIS D 108 -6.31 8.82 33.18
CA HIS D 108 -5.88 7.55 32.62
C HIS D 108 -4.76 7.66 31.60
N CYS D 109 -4.80 8.65 30.69
CA CYS D 109 -3.83 8.72 29.61
C CYS D 109 -3.50 10.19 29.30
N SER D 110 -3.04 10.91 30.33
CA SER D 110 -2.87 12.35 30.25
C SER D 110 -1.88 12.80 29.18
N LYS D 111 -0.99 11.92 28.72
CA LYS D 111 0.04 12.32 27.77
C LYS D 111 -0.30 11.88 26.34
N ALA D 112 -1.58 11.69 26.04
CA ALA D 112 -2.03 11.33 24.71
C ALA D 112 -2.27 12.56 23.83
N PHE D 113 -1.96 12.41 22.54
CA PHE D 113 -2.41 13.34 21.52
C PHE D 113 -3.89 13.09 21.22
N VAL D 114 -4.69 14.14 21.21
CA VAL D 114 -6.15 14.04 21.24
C VAL D 114 -6.73 14.69 20.00
N ILE D 115 -7.51 13.92 19.24
CA ILE D 115 -8.17 14.39 18.02
C ILE D 115 -9.67 14.38 18.28
N CYS D 116 -10.26 15.56 18.47
CA CYS D 116 -11.70 15.66 18.69
C CYS D 116 -12.46 15.69 17.37
N VAL D 117 -13.62 15.04 17.34
CA VAL D 117 -14.42 14.95 16.13
C VAL D 117 -15.85 15.38 16.42
N SER D 118 -16.31 15.15 17.65
CA SER D 118 -17.71 15.40 18.02
C SER D 118 -18.13 16.83 17.68
N ASN D 119 -19.38 16.98 17.21
CA ASN D 119 -19.92 18.25 16.76
C ASN D 119 -20.72 18.93 17.86
N PRO D 120 -20.80 20.28 17.85
CA PRO D 120 -20.09 21.18 16.93
C PRO D 120 -18.59 21.24 17.26
N LEU D 121 -17.75 21.11 16.24
CA LEU D 121 -16.35 20.73 16.45
C LEU D 121 -15.59 21.78 17.26
N ASP D 122 -15.50 23.01 16.74
CA ASP D 122 -14.63 24.01 17.37
C ASP D 122 -15.12 24.33 18.77
N ILE D 123 -16.41 24.14 19.02
CA ILE D 123 -16.95 24.30 20.36
C ILE D 123 -16.50 23.15 21.25
N MET D 124 -16.52 21.93 20.73
CA MET D 124 -16.23 20.74 21.53
C MET D 124 -14.75 20.58 21.81
N VAL D 125 -13.88 21.12 20.95
CA VAL D 125 -12.45 21.06 21.23
C VAL D 125 -12.11 21.97 22.41
N ASN D 126 -12.81 23.09 22.53
CA ASN D 126 -12.62 23.98 23.67
C ASN D 126 -13.16 23.34 24.94
N VAL D 127 -14.31 22.69 24.86
CA VAL D 127 -14.86 21.95 26.00
C VAL D 127 -13.85 20.95 26.51
N PHE D 128 -13.22 20.20 25.60
CA PHE D 128 -12.26 19.19 26.02
C PHE D 128 -11.07 19.81 26.73
N HIS D 129 -10.59 20.95 26.24
CA HIS D 129 -9.45 21.60 26.88
C HIS D 129 -9.79 22.03 28.30
N LYS D 130 -10.96 22.64 28.48
CA LYS D 130 -11.31 23.21 29.78
C LYS D 130 -11.32 22.15 30.87
N PHE D 131 -11.70 20.92 30.55
CA PHE D 131 -11.89 19.89 31.57
C PHE D 131 -10.82 18.79 31.57
N SER D 132 -10.00 18.68 30.52
CA SER D 132 -8.92 17.69 30.46
C SER D 132 -7.69 18.17 31.21
N ASN D 133 -7.47 19.47 31.20
CA ASN D 133 -6.26 20.16 31.63
C ASN D 133 -5.02 19.71 30.84
N LEU D 134 -5.20 19.18 29.62
CA LEU D 134 -4.07 18.77 28.80
C LEU D 134 -3.32 19.97 28.21
N PRO D 135 -2.07 19.79 27.81
CA PRO D 135 -1.36 20.85 27.09
C PRO D 135 -2.12 21.24 25.83
N HIS D 136 -2.06 22.52 25.50
CA HIS D 136 -2.82 23.06 24.38
C HIS D 136 -2.35 22.51 23.04
N GLU D 137 -1.05 22.19 22.90
CA GLU D 137 -0.53 21.64 21.65
C GLU D 137 -0.85 20.16 21.47
N LYS D 138 -1.30 19.47 22.52
CA LYS D 138 -1.62 18.05 22.43
C LYS D 138 -3.08 17.81 22.11
N ILE D 139 -3.85 18.86 21.84
CA ILE D 139 -5.28 18.78 21.59
C ILE D 139 -5.55 19.31 20.20
N CYS D 140 -6.52 18.71 19.51
CA CYS D 140 -6.89 19.18 18.18
C CYS D 140 -8.29 18.70 17.85
N GLY D 141 -8.89 19.37 16.87
CA GLY D 141 -10.08 18.88 16.21
C GLY D 141 -9.84 18.76 14.72
N MET D 142 -10.55 17.83 14.09
CA MET D 142 -10.51 17.67 12.64
C MET D 142 -11.70 18.41 12.04
N ALA D 143 -11.41 19.40 11.19
CA ALA D 143 -12.43 19.99 10.34
C ALA D 143 -11.86 20.41 9.00
N GLY D 144 -10.85 21.28 9.05
CA GLY D 144 -10.36 21.93 7.84
C GLY D 144 -10.02 20.96 6.72
N ILE D 145 -9.49 19.79 7.05
CA ILE D 145 -9.06 18.86 6.00
C ILE D 145 -10.25 18.32 5.25
N LEU D 146 -11.40 18.21 5.91
CA LEU D 146 -12.60 17.69 5.27
C LEU D 146 -13.21 18.74 4.34
N ASP D 147 -13.26 19.99 4.80
CA ASP D 147 -13.70 21.08 3.93
C ASP D 147 -12.73 21.31 2.79
N THR D 148 -11.43 21.31 3.08
CA THR D 148 -10.42 21.42 2.02
C THR D 148 -10.60 20.32 1.00
N SER D 149 -10.89 19.10 1.45
CA SER D 149 -11.01 17.99 0.53
C SER D 149 -12.17 18.21 -0.45
N ARG D 150 -13.34 18.67 0.03
CA ARG D 150 -14.48 18.90 -0.86
C ARG D 150 -14.21 20.06 -1.83
N TYR D 151 -13.59 21.14 -1.35
CA TYR D 151 -13.32 22.30 -2.19
C TYR D 151 -12.33 21.96 -3.30
N CYS D 152 -11.21 21.31 -2.96
CA CYS D 152 -10.20 20.97 -3.96
C CYS D 152 -10.70 19.91 -4.95
N SER D 153 -11.52 18.98 -4.48
CA SER D 153 -12.12 18.01 -5.39
C SER D 153 -13.03 18.71 -6.40
N LEU D 154 -13.83 19.65 -5.95
CA LEU D 154 -14.71 20.38 -6.86
C LEU D 154 -13.92 21.24 -7.83
N ILE D 155 -12.81 21.80 -7.38
CA ILE D 155 -11.95 22.58 -8.28
C ILE D 155 -11.32 21.68 -9.33
N ALA D 156 -10.82 20.51 -8.90
CA ALA D 156 -10.19 19.58 -9.82
C ALA D 156 -11.16 19.08 -10.87
N ASP D 157 -12.43 18.88 -10.49
CA ASP D 157 -13.43 18.45 -11.46
C ASP D 157 -13.61 19.48 -12.56
N LYS D 158 -13.80 20.74 -12.19
CA LYS D 158 -14.04 21.80 -13.18
C LYS D 158 -12.83 21.97 -14.10
N LEU D 159 -11.62 21.88 -13.54
CA LEU D 159 -10.40 22.08 -14.30
C LEU D 159 -9.94 20.83 -15.04
N LYS D 160 -10.71 19.75 -15.02
CA LYS D 160 -10.35 18.49 -15.68
C LYS D 160 -8.94 18.01 -15.32
N VAL D 161 -8.60 18.08 -14.03
CA VAL D 161 -7.35 17.53 -13.55
C VAL D 161 -7.58 16.69 -12.30
N SER D 162 -6.64 15.79 -12.04
CA SER D 162 -6.57 15.07 -10.77
C SER D 162 -6.57 16.05 -9.59
N ALA D 163 -7.25 15.64 -8.52
CA ALA D 163 -7.23 16.39 -7.25
C ALA D 163 -5.91 16.28 -6.52
N GLU D 164 -5.05 15.33 -6.91
CA GLU D 164 -3.90 14.94 -6.09
C GLU D 164 -3.03 16.14 -5.70
N ASP D 165 -2.88 17.11 -6.59
CA ASP D 165 -2.01 18.26 -6.32
C ASP D 165 -2.78 19.57 -6.32
N VAL D 166 -4.08 19.52 -6.04
CA VAL D 166 -4.86 20.72 -5.77
C VAL D 166 -4.81 20.96 -4.25
N ASN D 167 -4.23 22.09 -3.86
CA ASN D 167 -4.01 22.42 -2.46
C ASN D 167 -4.73 23.72 -2.13
N ALA D 168 -5.22 23.82 -0.90
CA ALA D 168 -5.89 25.05 -0.49
C ALA D 168 -5.86 25.17 1.03
N VAL D 169 -5.78 26.42 1.49
CA VAL D 169 -5.95 26.76 2.89
C VAL D 169 -7.39 27.19 3.09
N ILE D 170 -8.09 26.52 4.02
CA ILE D 170 -9.40 27.00 4.46
C ILE D 170 -9.38 27.17 5.98
N LEU D 171 -9.50 28.42 6.41
CA LEU D 171 -9.59 28.78 7.81
C LEU D 171 -11.02 28.71 8.34
N GLY D 172 -11.13 28.58 9.65
CA GLY D 172 -12.37 28.90 10.33
C GLY D 172 -13.20 27.69 10.69
N GLY D 173 -14.41 27.98 11.14
CA GLY D 173 -15.28 26.95 11.66
C GLY D 173 -15.66 25.91 10.60
N HIS D 174 -15.88 24.69 11.06
CA HIS D 174 -16.38 23.62 10.22
C HIS D 174 -17.86 23.84 9.94
N GLY D 175 -18.19 24.92 9.27
CA GLY D 175 -19.59 25.25 9.10
C GLY D 175 -19.80 26.20 7.96
N ASP D 176 -20.74 27.13 8.15
CA ASP D 176 -21.21 28.04 7.10
C ASP D 176 -20.53 29.44 7.13
N LEU D 177 -19.68 29.70 8.11
CA LEU D 177 -18.65 30.74 8.14
C LEU D 177 -17.28 30.06 8.11
N MET D 178 -17.07 29.43 6.96
CA MET D 178 -15.80 28.99 6.44
C MET D 178 -15.12 30.20 5.82
N VAL D 179 -13.79 30.15 5.74
CA VAL D 179 -13.04 31.18 5.03
C VAL D 179 -12.09 30.52 4.02
N PRO D 180 -12.55 30.21 2.82
CA PRO D 180 -11.65 29.68 1.78
C PRO D 180 -10.81 30.80 1.19
N LEU D 181 -9.50 30.57 1.12
CA LEU D 181 -8.53 31.54 0.60
C LEU D 181 -8.18 31.17 -0.85
N GLN D 182 -8.79 31.87 -1.81
CA GLN D 182 -8.42 31.67 -3.21
C GLN D 182 -6.96 32.00 -3.45
N ARG D 183 -6.45 33.02 -2.75
CA ARG D 183 -5.02 33.33 -2.79
C ARG D 183 -4.19 32.10 -2.46
N TYR D 184 -4.59 31.35 -1.44
CA TYR D 184 -3.88 30.15 -1.01
C TYR D 184 -4.48 28.89 -1.60
N THR D 185 -4.92 28.94 -2.86
CA THR D 185 -5.31 27.76 -3.62
C THR D 185 -4.37 27.62 -4.81
N SER D 186 -3.88 26.40 -5.05
CA SER D 186 -2.93 26.19 -6.13
C SER D 186 -3.14 24.81 -6.74
N VAL D 187 -2.76 24.69 -8.01
CA VAL D 187 -2.83 23.45 -8.78
C VAL D 187 -1.41 23.11 -9.19
N ASN D 188 -0.81 22.11 -8.53
CA ASN D 188 0.61 21.78 -8.69
C ASN D 188 1.47 23.03 -8.61
N GLY D 189 1.18 23.87 -7.63
CA GLY D 189 1.97 25.06 -7.38
C GLY D 189 1.52 26.28 -8.14
N VAL D 190 0.60 26.13 -9.10
CA VAL D 190 0.12 27.25 -9.91
C VAL D 190 -1.14 27.80 -9.25
N PRO D 191 -1.16 29.07 -8.85
CA PRO D 191 -2.33 29.61 -8.15
C PRO D 191 -3.59 29.53 -9.00
N LEU D 192 -4.72 29.39 -8.32
CA LEU D 192 -6.01 29.34 -9.01
C LEU D 192 -6.24 30.56 -9.89
N SER D 193 -5.80 31.73 -9.44
CA SER D 193 -5.82 32.96 -10.23
C SER D 193 -5.37 32.74 -11.66
N GLU D 194 -4.30 31.97 -11.85
CA GLU D 194 -3.79 31.74 -13.21
C GLU D 194 -4.82 31.04 -14.07
N PHE D 195 -5.73 30.29 -13.46
CA PHE D 195 -6.74 29.56 -14.22
C PHE D 195 -7.93 30.44 -14.58
N VAL D 196 -8.26 31.42 -13.75
CA VAL D 196 -9.31 32.37 -14.14
C VAL D 196 -8.81 33.29 -15.24
N LYS D 197 -7.52 33.67 -15.19
CA LYS D 197 -6.92 34.44 -16.27
C LYS D 197 -7.11 33.75 -17.62
N LYS D 198 -6.75 32.47 -17.70
CA LYS D 198 -6.87 31.74 -18.95
C LYS D 198 -8.30 31.27 -19.22
N ASN D 199 -9.25 31.68 -18.39
CA ASN D 199 -10.67 31.42 -18.61
C ASN D 199 -11.00 29.93 -18.56
N MET D 200 -10.22 29.17 -17.78
CA MET D 200 -10.51 27.77 -17.56
C MET D 200 -11.52 27.56 -16.44
N ILE D 201 -11.71 28.58 -15.60
CA ILE D 201 -12.77 28.58 -14.60
C ILE D 201 -13.09 30.04 -14.28
N SER D 202 -14.30 30.29 -13.81
CA SER D 202 -14.79 31.64 -13.58
C SER D 202 -14.91 31.89 -12.08
N GLN D 203 -14.96 33.18 -11.72
CA GLN D 203 -15.12 33.55 -10.32
C GLN D 203 -16.48 33.14 -9.77
N ASN D 204 -17.54 33.22 -10.59
CA ASN D 204 -18.84 32.74 -10.15
C ASN D 204 -18.83 31.23 -9.96
N GLU D 205 -18.18 30.50 -10.86
CA GLU D 205 -17.98 29.07 -10.67
C GLU D 205 -17.27 28.78 -9.36
N ILE D 206 -16.30 29.61 -8.99
CA ILE D 206 -15.57 29.38 -7.75
C ILE D 206 -16.45 29.67 -6.54
N GLN D 207 -17.30 30.68 -6.64
CA GLN D 207 -18.25 30.96 -5.57
C GLN D 207 -19.33 29.88 -5.55
N GLU D 208 -19.63 29.26 -6.70
CA GLU D 208 -20.49 28.08 -6.67
C GLU D 208 -19.89 27.06 -5.73
N ILE D 209 -18.60 26.76 -6.00
CA ILE D 209 -17.89 25.70 -5.33
C ILE D 209 -17.82 25.98 -3.84
N ILE D 210 -17.67 27.25 -3.50
CA ILE D 210 -17.59 27.62 -2.08
C ILE D 210 -18.91 27.34 -1.37
N GLN D 211 -20.05 27.69 -1.99
CA GLN D 211 -21.33 27.44 -1.31
C GLN D 211 -21.61 25.95 -1.24
N LYS D 212 -21.20 25.20 -2.27
CA LYS D 212 -21.28 23.74 -2.23
C LYS D 212 -20.44 23.17 -1.09
N THR D 213 -19.19 23.63 -0.96
CA THR D 213 -18.34 23.15 0.13
C THR D 213 -18.98 23.44 1.48
N ARG D 214 -19.60 24.60 1.63
CA ARG D 214 -20.25 24.96 2.88
C ARG D 214 -21.45 24.09 3.17
N ASN D 215 -22.16 23.63 2.13
CA ASN D 215 -23.40 22.89 2.29
C ASN D 215 -23.22 21.38 2.15
N MET D 216 -21.98 20.90 1.99
CA MET D 216 -21.78 19.49 1.63
C MET D 216 -22.22 18.56 2.76
N GLY D 217 -21.86 18.89 4.01
CA GLY D 217 -22.31 18.09 5.13
C GLY D 217 -23.81 17.88 5.16
N ALA D 218 -24.58 18.97 4.97
CA ALA D 218 -26.03 18.85 4.97
C ALA D 218 -26.54 18.12 3.73
N GLU D 219 -25.87 18.26 2.60
CA GLU D 219 -26.32 17.58 1.39
C GLU D 219 -26.09 16.08 1.47
N ILE D 220 -24.94 15.65 1.99
CA ILE D 220 -24.72 14.23 2.26
C ILE D 220 -25.81 13.69 3.16
N ILE D 221 -26.07 14.39 4.26
CA ILE D 221 -27.14 14.00 5.17
C ILE D 221 -28.46 13.90 4.42
N LYS D 222 -28.79 14.93 3.64
CA LYS D 222 -30.10 14.99 3.03
C LYS D 222 -30.26 13.91 1.94
N LEU D 223 -29.14 13.47 1.36
CA LEU D 223 -29.14 12.39 0.38
C LEU D 223 -29.02 11.01 1.03
N ALA D 224 -27.96 10.80 1.81
CA ALA D 224 -27.64 9.48 2.35
C ALA D 224 -28.38 9.17 3.64
N LYS D 225 -29.16 10.11 4.20
CA LYS D 225 -29.82 9.95 5.49
C LYS D 225 -28.83 9.64 6.60
N ALA D 226 -27.58 10.10 6.45
CA ALA D 226 -26.55 9.91 7.44
C ALA D 226 -25.41 10.86 7.13
N SER D 227 -24.72 11.32 8.17
CA SER D 227 -23.59 12.20 7.98
C SER D 227 -22.41 11.43 7.40
N ALA D 228 -21.59 12.14 6.63
CA ALA D 228 -20.36 11.61 6.05
C ALA D 228 -19.53 10.81 7.07
N ALA D 229 -18.84 9.79 6.61
CA ALA D 229 -18.11 8.91 7.51
C ALA D 229 -16.72 8.57 6.97
N PHE D 230 -16.66 8.19 5.69
CA PHE D 230 -15.39 7.76 5.11
C PHE D 230 -14.38 8.91 5.07
N ALA D 231 -14.75 10.02 4.44
CA ALA D 231 -13.84 11.16 4.35
C ALA D 231 -13.43 11.68 5.73
N PRO D 232 -14.35 11.93 6.69
CA PRO D 232 -13.89 12.28 8.04
C PRO D 232 -12.88 11.30 8.61
N ALA D 233 -13.17 10.00 8.53
CA ALA D 233 -12.23 8.98 9.01
C ALA D 233 -10.86 9.13 8.34
N ALA D 234 -10.84 9.40 7.03
CA ALA D 234 -9.57 9.55 6.33
C ALA D 234 -8.83 10.79 6.78
N ALA D 235 -9.56 11.89 7.02
CA ALA D 235 -8.94 13.11 7.54
C ALA D 235 -8.30 12.86 8.90
N ILE D 236 -9.01 12.16 9.79
CA ILE D 236 -8.48 11.86 11.12
C ILE D 236 -7.22 11.00 11.02
N THR D 237 -7.30 9.91 10.25
CA THR D 237 -6.18 9.01 10.10
C THR D 237 -4.92 9.72 9.62
N LYS D 238 -5.08 10.70 8.72
CA LYS D 238 -3.90 11.42 8.23
C LYS D 238 -3.32 12.32 9.31
N MET D 239 -4.17 12.82 10.22
CA MET D 239 -3.65 13.54 11.38
C MET D 239 -2.96 12.59 12.36
N ILE D 240 -3.53 11.40 12.56
CA ILE D 240 -2.85 10.38 13.35
C ILE D 240 -1.47 10.09 12.75
N LYS D 241 -1.45 9.82 11.44
CA LYS D 241 -0.20 9.53 10.74
C LYS D 241 0.84 10.63 10.97
N SER D 242 0.46 11.88 10.71
CA SER D 242 1.38 13.01 10.88
C SER D 242 2.01 13.02 12.27
N TYR D 243 1.23 12.72 13.30
CA TYR D 243 1.74 12.76 14.66
C TYR D 243 2.69 11.61 14.94
N LEU D 244 2.27 10.38 14.63
CA LEU D 244 3.06 9.21 14.98
C LEU D 244 4.40 9.17 14.25
N TYR D 245 4.41 9.56 12.98
CA TYR D 245 5.61 9.47 12.15
C TYR D 245 6.38 10.78 12.10
N ASN D 246 6.08 11.73 13.00
CA ASN D 246 6.78 13.01 13.07
C ASN D 246 6.91 13.65 11.69
N GLU D 247 5.77 13.83 11.04
CA GLU D 247 5.75 14.15 9.62
C GLU D 247 5.85 15.64 9.33
N ASN D 248 5.34 16.49 10.23
CA ASN D 248 5.37 17.94 10.08
C ASN D 248 4.49 18.41 8.91
N ASN D 249 3.43 17.67 8.62
CA ASN D 249 2.53 18.05 7.53
C ASN D 249 1.71 19.28 7.92
N LEU D 250 1.35 20.06 6.91
CA LEU D 250 0.66 21.34 7.10
C LEU D 250 -0.82 21.14 6.78
N PHE D 251 -1.66 21.23 7.80
CA PHE D 251 -3.10 21.07 7.68
C PHE D 251 -3.81 22.31 8.20
N THR D 252 -5.10 22.39 7.90
CA THR D 252 -6.03 23.21 8.69
C THR D 252 -6.80 22.32 9.63
N CYS D 253 -6.73 22.64 10.92
CA CYS D 253 -7.32 21.86 11.99
C CYS D 253 -7.78 22.84 13.06
N ALA D 254 -8.62 22.37 13.98
CA ALA D 254 -8.86 23.14 15.20
C ALA D 254 -7.62 23.10 16.08
N VAL D 255 -7.11 24.28 16.43
CA VAL D 255 -5.82 24.39 17.11
C VAL D 255 -5.84 25.61 18.02
N TYR D 256 -5.01 25.59 19.06
CA TYR D 256 -4.98 26.66 20.05
C TYR D 256 -4.23 27.86 19.49
N LEU D 257 -4.94 28.94 19.21
CA LEU D 257 -4.34 30.20 18.81
C LEU D 257 -3.99 31.03 20.04
N ASN D 258 -2.89 31.76 19.98
CA ASN D 258 -2.44 32.58 21.11
C ASN D 258 -1.75 33.82 20.55
N GLY D 259 -2.56 34.68 19.90
CA GLY D 259 -2.09 35.85 19.21
C GLY D 259 -2.13 35.72 17.70
N HIS D 260 -2.02 34.50 17.19
CA HIS D 260 -2.12 34.27 15.76
C HIS D 260 -3.49 34.71 15.24
N TYR D 261 -3.48 35.37 14.08
CA TYR D 261 -4.69 35.86 13.43
C TYR D 261 -5.56 36.68 14.38
N ASN D 262 -4.92 37.50 15.23
CA ASN D 262 -5.59 38.43 16.12
C ASN D 262 -6.46 37.74 17.17
N CYS D 263 -6.22 36.46 17.40
CA CYS D 263 -7.01 35.66 18.33
C CYS D 263 -6.09 35.01 19.34
N SER D 264 -6.49 35.00 20.62
CA SER D 264 -5.74 34.33 21.67
C SER D 264 -6.69 33.64 22.63
N ASN D 265 -6.29 32.48 23.14
CA ASN D 265 -6.98 31.77 24.21
C ASN D 265 -8.28 31.13 23.69
N LEU D 266 -8.18 30.46 22.55
CA LEU D 266 -9.34 29.81 21.94
C LEU D 266 -8.87 28.83 20.87
N PHE D 267 -9.45 27.63 20.87
CA PHE D 267 -9.27 26.68 19.78
C PHE D 267 -10.22 27.02 18.63
N VAL D 268 -9.66 27.17 17.42
CA VAL D 268 -10.46 27.43 16.22
C VAL D 268 -9.71 26.84 15.03
N GLY D 269 -10.45 26.57 13.95
CA GLY D 269 -9.87 26.09 12.72
C GLY D 269 -8.84 27.04 12.14
N SER D 270 -7.59 26.58 12.05
CA SER D 270 -6.48 27.42 11.61
C SER D 270 -5.45 26.54 10.89
N THR D 271 -4.44 27.19 10.33
CA THR D 271 -3.31 26.47 9.74
C THR D 271 -2.37 25.99 10.84
N ALA D 272 -1.92 24.74 10.72
CA ALA D 272 -1.05 24.16 11.74
C ALA D 272 -0.21 23.02 11.17
N LYS D 273 0.97 22.83 11.76
CA LYS D 273 1.76 21.63 11.54
C LYS D 273 1.53 20.65 12.68
N ILE D 274 1.40 19.37 12.34
CA ILE D 274 1.30 18.29 13.31
C ILE D 274 2.58 17.49 13.29
N ASN D 275 3.08 17.14 14.47
CA ASN D 275 4.29 16.34 14.59
C ASN D 275 4.34 15.71 15.97
N ASN D 276 5.43 14.98 16.24
CA ASN D 276 5.79 14.41 17.53
C ASN D 276 5.19 15.12 18.74
N LYS D 277 5.41 16.43 18.80
CA LYS D 277 5.07 17.22 19.99
C LYS D 277 3.71 17.87 19.89
N GLY D 278 2.95 17.60 18.83
CA GLY D 278 1.54 17.93 18.81
C GLY D 278 1.10 18.76 17.62
N ALA D 279 0.21 19.72 17.87
CA ALA D 279 -0.35 20.59 16.84
C ALA D 279 0.08 22.03 17.12
N HIS D 280 0.69 22.66 16.11
CA HIS D 280 1.33 23.96 16.29
C HIS D 280 0.80 24.95 15.26
N PRO D 281 0.20 26.06 15.69
CA PRO D 281 -0.35 27.03 14.73
C PRO D 281 0.73 27.70 13.88
N VAL D 282 0.33 28.11 12.68
CA VAL D 282 1.15 28.93 11.78
C VAL D 282 0.34 30.13 11.35
N GLU D 283 0.93 31.32 11.43
CA GLU D 283 0.29 32.57 11.05
C GLU D 283 0.80 33.00 9.67
N PHE D 284 -0.11 33.00 8.66
CA PHE D 284 0.26 33.51 7.34
C PHE D 284 -0.28 34.93 7.16
N PRO D 285 0.37 35.75 6.30
CA PRO D 285 -0.10 37.13 6.11
C PRO D 285 -1.36 37.21 5.26
N LEU D 286 -2.49 37.57 5.87
CA LEU D 286 -3.75 37.71 5.17
C LEU D 286 -4.02 39.18 4.84
N THR D 287 -4.86 39.37 3.82
CA THR D 287 -5.43 40.68 3.53
C THR D 287 -6.32 41.07 4.72
N LYS D 288 -6.93 42.24 4.68
CA LYS D 288 -7.89 42.59 5.72
C LYS D 288 -9.27 42.03 5.42
N GLU D 289 -9.61 41.77 4.15
CA GLU D 289 -10.87 41.10 3.90
C GLU D 289 -10.75 39.61 4.25
N GLU D 290 -9.55 39.05 4.10
CA GLU D 290 -9.30 37.69 4.57
C GLU D 290 -9.34 37.63 6.10
N GLN D 291 -8.69 38.58 6.77
CA GLN D 291 -8.67 38.58 8.24
C GLN D 291 -10.00 39.03 8.82
N ASP D 292 -10.77 39.87 8.11
CA ASP D 292 -12.07 40.30 8.60
C ASP D 292 -13.04 39.14 8.65
N LEU D 293 -13.18 38.41 7.53
CA LEU D 293 -14.06 37.25 7.49
C LEU D 293 -13.68 36.24 8.57
N TYR D 294 -12.38 36.08 8.81
CA TYR D 294 -11.90 35.11 9.78
C TYR D 294 -12.20 35.56 11.22
N THR D 295 -11.99 36.85 11.50
CA THR D 295 -12.25 37.36 12.85
C THR D 295 -13.71 37.25 13.25
N GLU D 296 -14.63 37.44 12.30
CA GLU D 296 -16.05 37.24 12.61
C GLU D 296 -16.34 35.76 12.85
N SER D 297 -15.76 34.88 12.04
CA SER D 297 -15.85 33.45 12.33
C SER D 297 -15.32 33.14 13.73
N ILE D 298 -14.14 33.67 14.06
CA ILE D 298 -13.55 33.46 15.38
C ILE D 298 -14.44 34.06 16.47
N ALA D 299 -15.18 35.12 16.15
CA ALA D 299 -16.07 35.72 17.14
C ALA D 299 -17.25 34.81 17.46
N SER D 300 -17.85 34.19 16.43
CA SER D 300 -18.96 33.28 16.68
C SER D 300 -18.52 32.08 17.50
N VAL D 301 -17.38 31.48 17.14
CA VAL D 301 -16.85 30.36 17.92
C VAL D 301 -16.66 30.76 19.38
N GLN D 302 -16.20 32.00 19.63
CA GLN D 302 -16.03 32.45 21.00
C GLN D 302 -17.37 32.62 21.70
N SER D 303 -18.39 33.10 20.99
CA SER D 303 -19.70 33.31 21.61
C SER D 303 -20.40 31.98 21.87
N ASN D 304 -20.33 31.06 20.92
CA ASN D 304 -20.97 29.76 21.11
C ASN D 304 -20.20 28.87 22.07
N THR D 305 -18.90 29.11 22.24
CA THR D 305 -18.13 28.35 23.21
C THR D 305 -18.47 28.75 24.63
N GLN D 306 -18.66 30.05 24.87
CA GLN D 306 -19.08 30.46 26.22
C GLN D 306 -20.54 30.15 26.46
N LYS D 307 -21.38 30.26 25.44
CA LYS D 307 -22.71 29.67 25.52
C LYS D 307 -22.64 28.19 25.91
N ALA D 308 -21.73 27.45 25.29
CA ALA D 308 -21.61 26.02 25.54
C ALA D 308 -21.29 25.71 26.99
N PHE D 309 -20.23 26.32 27.51
CA PHE D 309 -19.81 26.03 28.88
C PHE D 309 -20.89 26.34 29.88
N ASP D 310 -21.77 27.27 29.55
CA ASP D 310 -22.87 27.70 30.42
C ASP D 310 -23.96 26.63 30.51
N LEU D 311 -24.35 26.07 29.36
CA LEU D 311 -25.38 25.03 29.34
C LEU D 311 -24.91 23.73 29.99
N ILE D 312 -23.59 23.54 30.11
CA ILE D 312 -23.03 22.33 30.72
C ILE D 312 -23.13 22.37 32.24
N LYS D 313 -23.62 23.48 32.81
CA LYS D 313 -23.94 23.57 34.23
C LYS D 313 -25.45 23.71 34.38
PA NAD E . 27.60 -5.53 -2.50
O1A NAD E . 26.96 -5.06 -3.71
O2A NAD E . 28.98 -5.68 -2.94
O5B NAD E . 27.47 -4.46 -1.29
C5B NAD E . 28.24 -4.73 -0.13
C4B NAD E . 28.80 -3.49 0.43
O4B NAD E . 29.61 -3.81 1.63
C3B NAD E . 29.71 -2.85 -0.58
O3B NAD E . 29.17 -1.55 -0.96
C2B NAD E . 31.00 -2.70 0.07
O2B NAD E . 31.54 -1.37 -0.24
C1B NAD E . 30.70 -2.81 1.52
N9A NAD E . 31.81 -3.13 2.36
C8A NAD E . 32.93 -3.74 1.99
N7A NAD E . 33.64 -3.86 2.92
C5A NAD E . 33.11 -3.33 4.05
C6A NAD E . 33.55 -3.19 5.44
N6A NAD E . 34.84 -3.69 5.88
N1A NAD E . 32.66 -2.52 6.38
C2A NAD E . 31.48 -2.09 5.88
N3A NAD E . 31.11 -2.22 4.68
C4A NAD E . 31.75 -2.73 3.83
O3 NAD E . 26.98 -6.94 -1.96
PN NAD E . 25.37 -7.34 -1.94
O1N NAD E . 24.55 -6.30 -1.30
O2N NAD E . 24.78 -7.46 -3.27
O5D NAD E . 25.25 -8.73 -1.03
C5D NAD E . 25.51 -8.60 0.37
C4D NAD E . 25.81 -9.88 1.01
O4D NAD E . 24.61 -10.78 1.08
C3D NAD E . 26.82 -10.58 0.11
O3D NAD E . 27.75 -11.40 0.83
C2D NAD E . 25.99 -11.44 -0.70
O2D NAD E . 26.90 -12.30 -1.38
C1D NAD E . 25.06 -12.04 0.37
N1N NAD E . 24.06 -12.74 -0.04
C2N NAD E . 23.35 -13.44 0.96
C3N NAD E . 22.03 -14.26 0.60
C7N NAD E . 21.27 -14.98 1.75
O7N NAD E . 20.39 -15.75 1.53
N7N NAD E . 21.68 -14.69 3.13
C4N NAD E . 21.60 -14.28 -0.71
C5N NAD E . 22.22 -13.43 -1.64
C6N NAD E . 23.46 -12.56 -1.26
PA NAD F . 22.14 0.96 -17.00
O1A NAD F . 22.18 0.45 -15.65
O2A NAD F . 23.50 0.75 -17.44
O5B NAD F . 21.08 0.14 -17.95
C5B NAD F . 21.10 0.39 -19.34
C4B NAD F . 20.86 -0.87 -20.06
O4B NAD F . 20.55 -0.61 -21.49
C3B NAD F . 22.06 -1.79 -20.02
O3B NAD F . 21.63 -3.06 -19.41
C2B NAD F . 22.44 -2.02 -21.39
O2B NAD F . 22.89 -3.41 -21.55
C1B NAD F . 21.16 -1.82 -22.13
N9A NAD F . 21.27 -1.68 -23.55
C8A NAD F . 22.31 -1.19 -24.22
N7A NAD F . 22.08 -1.20 -25.36
C5A NAD F . 20.84 -1.71 -25.64
C6A NAD F . 20.06 -1.95 -26.85
N6A NAD F . 20.60 -1.64 -28.16
N1A NAD F . 18.73 -2.54 -26.71
C2A NAD F . 18.32 -2.80 -25.45
N3A NAD F . 19.01 -2.58 -24.41
C4A NAD F . 20.09 -2.11 -24.40
O3 NAD F . 21.70 2.54 -17.06
PN NAD F . 20.45 3.17 -16.15
O1N NAD F . 19.24 2.35 -16.29
O2N NAD F . 20.70 3.15 -14.71
O5D NAD F . 20.13 4.69 -16.76
C5D NAD F . 19.35 4.74 -17.94
C4D NAD F . 19.51 6.05 -18.59
O4D NAD F . 18.72 7.10 -17.87
C3D NAD F . 20.98 6.47 -18.59
O3D NAD F . 21.32 6.98 -19.88
C2D NAD F . 21.10 7.52 -17.61
O2D NAD F . 22.15 8.44 -17.96
C1D NAD F . 19.72 8.21 -17.69
N1N NAD F . 19.38 8.91 -16.67
C2N NAD F . 18.10 9.49 -16.74
C3N NAD F . 17.47 10.25 -15.52
C7N NAD F . 16.53 11.42 -15.92
O7N NAD F . 16.11 12.19 -15.11
N7N NAD F . 16.17 11.58 -17.34
C4N NAD F . 18.24 10.37 -14.39
C5N NAD F . 19.46 9.69 -14.27
C6N NAD F . 20.01 8.85 -15.48
PA NAD G . -27.89 -3.14 3.73
O1A NAD G . -27.22 -2.28 4.69
O2A NAD G . -29.27 -3.01 4.11
O5B NAD G . -27.67 -2.65 2.19
C5B NAD G . -28.46 -3.31 1.22
C4B NAD G . -28.91 -2.37 0.18
O4B NAD G . -29.68 -3.11 -0.88
C3B NAD G . -29.84 -1.34 0.77
O3B NAD G . -29.27 0.00 0.53
C2B NAD G . -31.10 -1.47 0.07
O2B NAD G . -31.71 -0.15 -0.13
C1B NAD G . -30.70 -2.06 -1.23
N9A NAD G . -31.80 -2.56 -2.01
C8A NAD G . -32.98 -2.92 -1.52
N7A NAD G . -33.69 -3.26 -2.39
C5A NAD G . -33.08 -3.18 -3.61
C6A NAD G . -33.48 -3.46 -4.99
N6A NAD G . -34.80 -3.97 -5.29
N1A NAD G . -32.51 -3.24 -6.06
C2A NAD G . -31.30 -2.77 -5.66
N3A NAD G . -30.96 -2.53 -4.47
C4A NAD G . -31.67 -2.67 -3.53
O3 NAD G . -27.36 -4.69 3.79
PN NAD G . -25.82 -5.16 4.21
O1N NAD G . -24.80 -4.41 3.45
O2N NAD G . -25.48 -4.85 5.59
O5D NAD G . -25.72 -6.78 3.83
C5D NAD G . -26.18 -7.14 2.52
C4D NAD G . -26.45 -8.57 2.41
O4D NAD G . -25.21 -9.37 2.64
C3D NAD G . -27.49 -9.01 3.45
O3D NAD G . -28.46 -9.86 2.81
C2D NAD G . -26.76 -9.78 4.42
O2D NAD G . -27.60 -10.76 5.05
C1D NAD G . -25.68 -10.45 3.56
N1N NAD G . -24.71 -10.93 4.25
C2N NAD G . -24.00 -12.01 3.68
C3N NAD G . -22.69 -12.55 4.37
C7N NAD G . -21.89 -13.68 3.68
O7N NAD G . -21.02 -14.24 4.26
N7N NAD G . -22.25 -14.07 2.31
C4N NAD G . -22.27 -11.96 5.55
C5N NAD G . -22.91 -10.81 6.02
C6N NAD G . -24.14 -10.24 5.27
PA NAD H . -22.11 7.54 15.75
O1A NAD H . -22.30 6.57 14.69
O2A NAD H . -23.45 7.66 16.30
O5B NAD H . -21.06 7.03 16.88
C5B NAD H . -20.97 7.77 18.08
C4B NAD H . -20.79 6.82 19.19
O4B NAD H . -20.49 7.53 20.47
C3B NAD H . -22.06 6.05 19.40
O3B NAD H . -21.74 4.61 19.34
C2B NAD H . -22.53 6.37 20.73
O2B NAD H . -23.17 5.20 21.33
C1B NAD H . -21.28 6.71 21.44
N9A NAD H . -21.44 7.38 22.69
C8A NAD H . -22.54 7.98 23.12
N7A NAD H . -22.35 8.44 24.17
C5A NAD H . -21.09 8.21 24.62
C6A NAD H . -20.34 8.54 25.83
N6A NAD H . -20.96 9.30 26.91
N1A NAD H . -18.95 8.10 25.93
C2A NAD H . -18.47 7.40 24.88
N3A NAD H . -19.12 7.12 23.84
C4A NAD H . -20.25 7.43 23.65
O3 NAD H . -21.56 8.99 15.21
PN NAD H . -20.45 9.21 13.99
O1N NAD H . -19.27 8.35 14.15
O2N NAD H . -20.96 8.83 12.67
O5D NAD H . -19.97 10.82 14.08
C5D NAD H . -19.38 11.22 15.31
C4D NAD H . -19.38 12.69 15.45
O4D NAD H . -18.42 13.33 14.48
C3D NAD H . -20.79 13.24 15.16
O3D NAD H . -21.20 14.18 16.16
C2D NAD H . -20.66 13.90 13.88
O2D NAD H . -21.63 14.94 13.70
C1D NAD H . -19.24 14.46 13.94
N1N NAD H . -18.85 14.86 12.77
C2N NAD H . -17.85 15.84 12.76
C3N NAD H . -17.22 16.29 11.39
C7N NAD H . -15.98 17.20 11.45
O7N NAD H . -15.56 17.72 10.46
N7N NAD H . -15.30 17.42 12.74
C4N NAD H . -17.69 15.75 10.21
C5N NAD H . -18.62 14.70 10.27
C6N NAD H . -19.17 14.21 11.64
#